data_4GLV
#
_entry.id   4GLV
#
_cell.length_a   59.000
_cell.length_b   69.380
_cell.length_c   76.360
_cell.angle_alpha   72.170
_cell.angle_beta   69.460
_cell.angle_gamma   77.550
#
_symmetry.space_group_name_H-M   'P 1'
#
loop_
_entity.id
_entity.type
_entity.pdbx_description
1 polymer 'Lysozyme C'
2 polymer 'OBody AM3L09'
3 non-polymer 'PHOSPHATE ION'
4 non-polymer GLYCEROL
5 non-polymer '4-(2-HYDROXYETHYL)-1-PIPERAZINE ETHANESULFONIC ACID'
6 non-polymer 'SULFATE ION'
7 water water
#
loop_
_entity_poly.entity_id
_entity_poly.type
_entity_poly.pdbx_seq_one_letter_code
_entity_poly.pdbx_strand_id
1 'polypeptide(L)'
;KVFGRCELAAAMKRHGLDNYRGYSLGNWVCAAKFESNFNTQATNRNTDGSTDYGILQINSRWWCNDGRTPGSRNLCNIPC
SALLSSDITASVNCAKKIVSDGNGMNAWVAWRNRCKGTDVQAWIRGCRL
;
A,C,E,G
2 'polypeptide(L)'
;VSPKKTHWTAEITPNLHGSEVVVAGWVAHLGDYGRVKIVKVSDREGGAAVPVYLERGKTPDHLFKVFAELSREDVVVIKG
IVEATTVTRWDTGVEIFPSEIWILNKA
;
B,D,F,H
#
loop_
_chem_comp.id
_chem_comp.type
_chem_comp.name
_chem_comp.formula
EPE non-polymer '4-(2-HYDROXYETHYL)-1-PIPERAZINE ETHANESULFONIC ACID' 'C8 H18 N2 O4 S'
GOL non-polymer GLYCEROL 'C3 H8 O3'
PO4 non-polymer 'PHOSPHATE ION' 'O4 P -3'
SO4 non-polymer 'SULFATE ION' 'O4 S -2'
#
# COMPACT_ATOMS: atom_id res chain seq x y z
N LYS A 1 -2.45 19.01 28.43
CA LYS A 1 -1.67 18.70 29.63
C LYS A 1 -0.22 19.12 29.48
N VAL A 2 0.30 19.79 30.49
CA VAL A 2 1.71 20.16 30.51
C VAL A 2 2.49 19.19 31.39
N PHE A 3 3.26 18.31 30.77
CA PHE A 3 4.03 17.30 31.49
C PHE A 3 5.17 17.90 32.30
N GLY A 4 5.57 17.16 33.33
CA GLY A 4 6.80 17.47 34.05
C GLY A 4 7.91 16.68 33.39
N ARG A 5 9.13 17.23 33.40
CA ARG A 5 10.26 16.58 32.74
C ARG A 5 10.36 15.08 33.05
N CYS A 6 10.46 14.74 34.33
CA CYS A 6 10.58 13.34 34.75
C CYS A 6 9.29 12.55 34.52
N GLU A 7 8.15 13.23 34.64
CA GLU A 7 6.86 12.60 34.40
C GLU A 7 6.77 12.10 32.96
N LEU A 8 7.25 12.91 32.03
CA LEU A 8 7.21 12.58 30.61
C LEU A 8 8.19 11.47 30.27
N ALA A 9 9.40 11.56 30.83
CA ALA A 9 10.41 10.52 30.62
C ALA A 9 9.87 9.15 31.00
N ALA A 10 9.10 9.10 32.09
CA ALA A 10 8.52 7.84 32.55
C ALA A 10 7.47 7.34 31.58
N ALA A 11 6.64 8.25 31.07
CA ALA A 11 5.61 7.88 30.11
C ALA A 11 6.23 7.40 28.79
N MET A 12 7.26 8.09 28.34
CA MET A 12 7.94 7.72 27.10
C MET A 12 8.64 6.37 27.24
N LYS A 13 9.26 6.13 28.40
CA LYS A 13 9.92 4.86 28.66
C LYS A 13 8.89 3.74 28.67
N ARG A 14 7.75 4.00 29.31
CA ARG A 14 6.65 3.06 29.36
C ARG A 14 6.16 2.71 27.96
N HIS A 15 6.17 3.69 27.07
CA HIS A 15 5.72 3.49 25.68
C HIS A 15 6.83 3.00 24.75
N GLY A 16 7.98 2.63 25.32
CA GLY A 16 9.06 1.98 24.58
C GLY A 16 9.87 2.85 23.64
N LEU A 17 10.05 4.12 23.98
CA LEU A 17 10.83 5.03 23.16
C LEU A 17 12.34 4.93 23.44
N ASP A 18 12.69 4.39 24.59
CA ASP A 18 14.09 4.30 25.00
C ASP A 18 14.88 3.42 24.02
N ASN A 19 15.77 4.05 23.26
CA ASN A 19 16.59 3.37 22.27
C ASN A 19 15.83 2.93 21.02
N TYR A 20 14.63 3.47 20.83
CA TYR A 20 13.89 3.20 19.62
C TYR A 20 14.64 3.78 18.42
N ARG A 21 14.91 2.93 17.43
CA ARG A 21 15.72 3.32 16.29
C ARG A 21 17.09 3.83 16.71
N GLY A 22 17.53 3.41 17.90
CA GLY A 22 18.85 3.76 18.39
C GLY A 22 18.94 5.05 19.19
N TYR A 23 17.80 5.70 19.41
CA TYR A 23 17.80 6.97 20.14
C TYR A 23 17.45 6.83 21.61
N SER A 24 18.42 7.15 22.47
CA SER A 24 18.22 7.07 23.92
C SER A 24 17.10 7.97 24.39
N LEU A 25 16.48 7.59 25.51
CA LEU A 25 15.31 8.29 26.03
C LEU A 25 15.52 9.81 26.10
N GLY A 26 16.72 10.22 26.49
CA GLY A 26 17.04 11.64 26.59
C GLY A 26 16.71 12.43 25.33
N ASN A 27 16.92 11.81 24.18
CA ASN A 27 16.64 12.47 22.91
C ASN A 27 15.17 12.84 22.77
N TRP A 28 14.30 11.91 23.18
CA TRP A 28 12.86 12.11 23.04
C TRP A 28 12.33 13.16 24.01
N VAL A 29 12.87 13.16 25.23
CA VAL A 29 12.47 14.16 26.21
C VAL A 29 12.94 15.54 25.76
N CYS A 30 14.19 15.62 25.29
CA CYS A 30 14.76 16.87 24.83
C CYS A 30 13.99 17.43 23.64
N ALA A 31 13.60 16.56 22.72
CA ALA A 31 12.83 16.98 21.55
C ALA A 31 11.50 17.58 21.95
N ALA A 32 10.80 16.91 22.86
CA ALA A 32 9.51 17.40 23.35
C ALA A 32 9.65 18.77 23.99
N LYS A 33 10.75 18.97 24.72
CA LYS A 33 10.98 20.22 25.42
C LYS A 33 11.03 21.41 24.46
N PHE A 34 11.77 21.25 23.37
CA PHE A 34 11.98 22.35 22.44
C PHE A 34 10.95 22.40 21.30
N GLU A 35 10.15 21.35 21.18
CA GLU A 35 9.07 21.34 20.20
C GLU A 35 7.78 21.89 20.80
N SER A 36 7.43 21.43 21.99
CA SER A 36 6.14 21.75 22.59
C SER A 36 6.23 22.30 24.02
N ASN A 37 7.45 22.31 24.57
CA ASN A 37 7.65 22.70 25.97
C ASN A 37 6.84 21.79 26.90
N PHE A 38 6.72 20.53 26.53
CA PHE A 38 6.03 19.52 27.33
C PHE A 38 4.50 19.67 27.34
N ASN A 39 3.98 20.52 26.44
CA ASN A 39 2.54 20.74 26.36
C ASN A 39 1.88 19.93 25.24
N THR A 40 0.96 19.05 25.62
CA THR A 40 0.32 18.15 24.66
C THR A 40 -0.70 18.88 23.79
N GLN A 41 -1.08 20.09 24.20
CA GLN A 41 -2.06 20.88 23.46
C GLN A 41 -1.37 21.74 22.40
N ALA A 42 -0.04 21.75 22.43
CA ALA A 42 0.75 22.60 21.55
C ALA A 42 0.22 22.60 20.11
N THR A 43 0.03 23.80 19.57
CA THR A 43 -0.54 23.98 18.24
C THR A 43 0.12 25.15 17.51
N ASN A 44 0.60 24.90 16.30
CA ASN A 44 1.27 25.94 15.53
C ASN A 44 1.04 25.82 14.03
N ARG A 45 0.51 26.89 13.43
CA ARG A 45 0.31 26.91 11.98
C ARG A 45 1.57 27.40 11.27
N ASN A 46 1.84 26.81 10.12
CA ASN A 46 2.96 27.25 9.27
C ASN A 46 2.45 28.02 8.07
N THR A 47 3.31 28.84 7.49
CA THR A 47 2.93 29.68 6.37
C THR A 47 2.47 28.89 5.16
N ASP A 48 2.81 27.60 5.12
CA ASP A 48 2.48 26.76 3.96
C ASP A 48 1.10 26.13 4.05
N GLY A 49 0.39 26.43 5.13
CA GLY A 49 -0.96 25.91 5.32
C GLY A 49 -1.04 24.65 6.16
N SER A 50 0.12 24.14 6.58
CA SER A 50 0.14 22.95 7.43
C SER A 50 0.22 23.37 8.89
N THR A 51 -0.07 22.42 9.78
CA THR A 51 -0.03 22.70 11.21
C THR A 51 0.68 21.57 11.96
N ASP A 52 1.32 21.93 13.07
CA ASP A 52 2.02 20.94 13.89
C ASP A 52 1.28 20.78 15.22
N TYR A 53 1.15 19.52 15.67
CA TYR A 53 0.32 19.24 16.83
C TYR A 53 0.96 18.37 17.90
N GLY A 54 0.75 18.74 19.16
CA GLY A 54 1.07 17.87 20.27
C GLY A 54 2.48 17.94 20.81
N ILE A 55 2.77 17.02 21.73
CA ILE A 55 4.04 16.99 22.45
C ILE A 55 5.25 16.96 21.51
N LEU A 56 5.06 16.38 20.32
CA LEU A 56 6.16 16.24 19.37
C LEU A 56 5.94 16.98 18.04
N GLN A 57 4.95 17.87 18.02
CA GLN A 57 4.73 18.75 16.88
C GLN A 57 4.69 18.05 15.52
N ILE A 58 3.90 16.99 15.42
CA ILE A 58 3.74 16.26 14.16
C ILE A 58 3.00 17.09 13.11
N ASN A 59 3.45 17.00 11.86
CA ASN A 59 2.96 17.85 10.77
C ASN A 59 1.75 17.27 10.02
N SER A 60 0.86 18.14 9.58
CA SER A 60 -0.42 17.73 9.00
C SER A 60 -0.36 17.44 7.51
N ARG A 61 0.79 17.72 6.90
CA ARG A 61 0.94 17.52 5.45
C ARG A 61 1.00 16.03 5.09
N TRP A 62 1.86 15.29 5.77
CA TRP A 62 2.06 13.87 5.48
C TRP A 62 1.53 12.92 6.55
N TRP A 63 1.50 13.37 7.80
CA TRP A 63 1.44 12.41 8.90
C TRP A 63 0.11 12.29 9.64
N CYS A 64 -0.60 13.40 9.86
CA CYS A 64 -1.92 13.33 10.46
C CYS A 64 -2.94 14.13 9.66
N ASN A 65 -4.21 13.77 9.77
CA ASN A 65 -5.25 14.49 9.05
C ASN A 65 -5.95 15.53 9.92
N ASP A 66 -5.91 16.78 9.49
CA ASP A 66 -6.58 17.85 10.22
C ASP A 66 -7.72 18.45 9.40
N GLY A 67 -7.93 17.92 8.20
CA GLY A 67 -9.04 18.29 7.35
C GLY A 67 -8.90 19.62 6.61
N ARG A 68 -7.78 20.32 6.82
CA ARG A 68 -7.61 21.62 6.20
C ARG A 68 -6.23 21.80 5.56
N THR A 69 -5.53 20.70 5.33
CA THR A 69 -4.20 20.77 4.73
C THR A 69 -4.16 20.07 3.37
N PRO A 70 -3.85 20.84 2.32
CA PRO A 70 -3.75 20.31 0.96
C PRO A 70 -2.56 19.36 0.80
N GLY A 71 -2.74 18.30 0.03
CA GLY A 71 -1.67 17.33 -0.15
C GLY A 71 -1.55 16.37 1.01
N SER A 72 -2.64 16.25 1.77
CA SER A 72 -2.71 15.40 2.95
C SER A 72 -2.47 13.93 2.61
N ARG A 73 -1.53 13.29 3.31
CA ARG A 73 -1.25 11.86 3.11
C ARG A 73 -1.74 11.03 4.29
N ASN A 74 -1.71 11.62 5.47
CA ASN A 74 -2.16 10.93 6.69
C ASN A 74 -1.54 9.55 6.85
N LEU A 75 -0.22 9.49 6.76
CA LEU A 75 0.51 8.23 6.84
C LEU A 75 0.38 7.55 8.21
N CYS A 76 0.14 8.34 9.24
CA CYS A 76 -0.06 7.77 10.58
C CYS A 76 -1.50 7.30 10.76
N ASN A 77 -2.34 7.59 9.78
CA ASN A 77 -3.76 7.25 9.80
C ASN A 77 -4.49 7.62 11.09
N ILE A 78 -4.25 8.83 11.57
CA ILE A 78 -4.89 9.34 12.76
CA ILE A 78 -4.93 9.33 12.73
C ILE A 78 -5.27 10.81 12.54
N PRO A 79 -6.42 11.25 13.09
CA PRO A 79 -6.73 12.67 13.01
C PRO A 79 -5.78 13.46 13.91
N CYS A 80 -5.42 14.67 13.49
CA CYS A 80 -4.44 15.45 14.25
C CYS A 80 -4.90 15.75 15.67
N SER A 81 -6.22 15.75 15.87
CA SER A 81 -6.78 16.03 17.19
C SER A 81 -6.40 14.96 18.21
N ALA A 82 -6.21 13.73 17.74
CA ALA A 82 -5.84 12.63 18.62
C ALA A 82 -4.43 12.84 19.21
N LEU A 83 -3.69 13.77 18.62
CA LEU A 83 -2.34 14.06 19.08
C LEU A 83 -2.35 15.12 20.18
N LEU A 84 -3.54 15.51 20.62
CA LEU A 84 -3.67 16.57 21.61
C LEU A 84 -4.05 16.09 23.01
N SER A 85 -4.44 14.81 23.12
CA SER A 85 -4.87 14.28 24.40
C SER A 85 -3.74 14.21 25.41
N SER A 86 -4.10 14.15 26.68
CA SER A 86 -3.11 14.02 27.75
C SER A 86 -2.50 12.63 27.74
N ASP A 87 -3.10 11.74 26.96
CA ASP A 87 -2.55 10.41 26.72
C ASP A 87 -1.69 10.44 25.46
N ILE A 88 -0.40 10.18 25.61
CA ILE A 88 0.56 10.37 24.52
C ILE A 88 0.68 9.20 23.56
N THR A 89 -0.18 8.20 23.73
CA THR A 89 -0.10 6.99 22.92
C THR A 89 -0.09 7.30 21.42
N ALA A 90 -1.02 8.14 20.96
CA ALA A 90 -1.10 8.50 19.54
C ALA A 90 0.18 9.18 19.04
N SER A 91 0.66 10.17 19.80
CA SER A 91 1.88 10.88 19.41
C SER A 91 3.06 9.91 19.32
N VAL A 92 3.23 9.08 20.36
CA VAL A 92 4.29 8.09 20.37
C VAL A 92 4.21 7.16 19.16
N ASN A 93 3.03 6.60 18.91
CA ASN A 93 2.84 5.70 17.78
C ASN A 93 3.20 6.35 16.45
N CYS A 94 2.81 7.62 16.29
CA CYS A 94 3.07 8.33 15.04
C CYS A 94 4.56 8.68 14.92
N ALA A 95 5.16 9.07 16.03
CA ALA A 95 6.59 9.40 16.07
C ALA A 95 7.43 8.19 15.70
N LYS A 96 6.98 7.01 16.10
CA LYS A 96 7.69 5.77 15.77
C LYS A 96 7.71 5.55 14.25
N LYS A 97 6.62 5.90 13.58
CA LYS A 97 6.58 5.77 12.13
C LYS A 97 7.48 6.81 11.49
N ILE A 98 7.41 8.03 11.98
CA ILE A 98 8.22 9.14 11.49
C ILE A 98 9.72 8.85 11.64
N VAL A 99 10.12 8.39 12.81
CA VAL A 99 11.53 8.15 13.08
C VAL A 99 12.03 6.88 12.39
N SER A 100 11.12 6.20 11.69
CA SER A 100 11.48 5.00 10.94
C SER A 100 11.46 5.25 9.44
N ASP A 101 11.23 6.51 9.06
CA ASP A 101 11.03 6.87 7.66
C ASP A 101 12.31 6.80 6.85
N GLY A 102 13.45 6.85 7.53
CA GLY A 102 14.74 6.73 6.86
C GLY A 102 15.73 7.82 7.21
N ASN A 103 15.32 8.76 8.05
CA ASN A 103 16.18 9.88 8.40
C ASN A 103 16.36 10.07 9.90
N GLY A 104 15.99 9.05 10.68
CA GLY A 104 16.10 9.13 12.12
C GLY A 104 15.32 10.30 12.68
N MET A 105 15.85 10.93 13.73
CA MET A 105 15.16 12.06 14.35
C MET A 105 15.40 13.37 13.61
N ASN A 106 16.12 13.29 12.49
CA ASN A 106 16.33 14.46 11.64
C ASN A 106 15.02 15.03 11.12
N ALA A 107 13.92 14.31 11.34
CA ALA A 107 12.60 14.80 10.97
C ALA A 107 12.14 15.93 11.88
N TRP A 108 12.77 16.06 13.05
CA TRP A 108 12.42 17.10 14.01
C TRP A 108 13.43 18.24 14.03
N VAL A 109 13.02 19.40 13.51
CA VAL A 109 13.92 20.55 13.41
C VAL A 109 14.39 21.08 14.77
N ALA A 110 13.53 21.03 15.78
CA ALA A 110 13.88 21.52 17.10
C ALA A 110 14.94 20.61 17.75
N TRP A 111 14.80 19.31 17.51
CA TRP A 111 15.78 18.36 18.00
C TRP A 111 17.12 18.59 17.31
N ARG A 112 17.09 18.84 16.02
CA ARG A 112 18.31 19.12 15.26
C ARG A 112 19.04 20.36 15.77
N ASN A 113 18.29 21.40 16.06
CA ASN A 113 18.88 22.68 16.43
C ASN A 113 19.21 22.83 17.91
N ARG A 114 18.66 21.97 18.76
CA ARG A 114 18.82 22.16 20.19
C ARG A 114 19.29 20.90 20.94
N CYS A 115 19.07 19.73 20.35
CA CYS A 115 19.33 18.48 21.05
C CYS A 115 20.45 17.65 20.41
N LYS A 116 20.43 17.52 19.09
CA LYS A 116 21.39 16.70 18.37
C LYS A 116 22.83 17.05 18.75
N GLY A 117 23.60 16.04 19.13
CA GLY A 117 25.01 16.22 19.42
C GLY A 117 25.32 16.77 20.79
N THR A 118 24.31 16.87 21.65
CA THR A 118 24.53 17.35 23.01
C THR A 118 24.35 16.20 24.02
N ASP A 119 24.62 16.50 25.29
CA ASP A 119 24.42 15.51 26.34
C ASP A 119 22.94 15.39 26.66
N VAL A 120 22.24 14.61 25.84
CA VAL A 120 20.80 14.48 25.95
C VAL A 120 20.35 13.72 27.19
N GLN A 121 21.20 12.81 27.68
CA GLN A 121 20.87 12.02 28.87
C GLN A 121 20.59 12.91 30.07
N ALA A 122 21.14 14.12 30.05
CA ALA A 122 20.92 15.08 31.12
C ALA A 122 19.43 15.32 31.38
N TRP A 123 18.61 15.05 30.36
CA TRP A 123 17.19 15.33 30.46
C TRP A 123 16.41 14.26 31.21
N ILE A 124 17.06 13.16 31.56
CA ILE A 124 16.40 12.12 32.34
C ILE A 124 17.15 11.81 33.63
N ARG A 125 18.34 12.38 33.76
CA ARG A 125 19.19 12.11 34.91
C ARG A 125 18.54 12.52 36.22
N GLY A 126 18.55 11.61 37.19
CA GLY A 126 17.94 11.86 38.49
C GLY A 126 16.57 11.21 38.66
N CYS A 127 15.69 11.43 37.69
CA CYS A 127 14.34 10.89 37.74
C CYS A 127 14.36 9.40 38.06
N ARG A 128 13.36 8.95 38.81
CA ARG A 128 13.26 7.54 39.17
C ARG A 128 12.63 6.74 38.04
N LEU A 129 13.47 6.25 37.13
CA LEU A 129 12.99 5.45 36.00
C LEU A 129 13.10 3.96 36.28
N SER B 2 20.77 25.13 -16.32
CA SER B 2 21.25 24.04 -15.45
C SER B 2 22.75 24.14 -15.24
N PRO B 3 23.18 24.30 -13.98
CA PRO B 3 24.60 24.34 -13.62
C PRO B 3 25.27 23.00 -13.93
N LYS B 4 26.59 22.98 -13.99
CA LYS B 4 27.33 21.77 -14.33
C LYS B 4 27.79 20.99 -13.10
N LYS B 5 27.47 19.70 -13.09
CA LYS B 5 27.90 18.76 -12.07
C LYS B 5 29.36 18.99 -11.68
N THR B 6 29.63 19.07 -10.37
CA THR B 6 31.00 19.26 -9.88
C THR B 6 31.46 18.06 -9.07
N HIS B 7 30.51 17.24 -8.62
CA HIS B 7 30.82 16.05 -7.85
C HIS B 7 29.81 14.95 -8.11
N TRP B 8 30.24 13.71 -7.97
CA TRP B 8 29.32 12.58 -7.87
C TRP B 8 28.88 12.48 -6.41
N THR B 9 27.73 11.86 -6.18
CA THR B 9 27.21 11.76 -4.82
C THR B 9 28.16 10.99 -3.90
N ALA B 10 28.95 10.08 -4.47
CA ALA B 10 29.94 9.36 -3.67
C ALA B 10 31.15 10.23 -3.36
N GLU B 11 31.31 11.31 -4.12
CA GLU B 11 32.45 12.21 -3.95
C GLU B 11 32.16 13.31 -2.93
N ILE B 12 30.92 13.39 -2.48
CA ILE B 12 30.54 14.36 -1.47
C ILE B 12 30.96 13.87 -0.09
N THR B 13 32.05 14.43 0.43
CA THR B 13 32.61 13.98 1.70
C THR B 13 32.74 15.14 2.69
N PRO B 14 32.88 14.82 3.99
CA PRO B 14 32.98 15.83 5.04
C PRO B 14 34.02 16.92 4.74
N ASN B 15 35.09 16.56 4.04
CA ASN B 15 36.12 17.52 3.65
C ASN B 15 35.57 18.73 2.92
N LEU B 16 34.43 18.55 2.25
CA LEU B 16 33.84 19.61 1.43
C LEU B 16 33.02 20.59 2.27
N HIS B 17 33.01 20.37 3.57
CA HIS B 17 32.27 21.23 4.49
C HIS B 17 32.53 22.70 4.19
N GLY B 18 31.45 23.44 3.90
CA GLY B 18 31.54 24.87 3.69
C GLY B 18 31.61 25.28 2.22
N SER B 19 31.93 24.35 1.35
CA SER B 19 32.06 24.68 -0.07
C SER B 19 30.79 24.37 -0.88
N GLU B 20 30.68 25.04 -2.02
CA GLU B 20 29.51 24.89 -2.88
C GLU B 20 29.73 23.79 -3.89
N VAL B 21 28.71 22.97 -4.10
CA VAL B 21 28.80 21.84 -5.02
C VAL B 21 27.56 21.76 -5.89
N VAL B 22 27.70 21.12 -7.04
CA VAL B 22 26.55 20.84 -7.89
C VAL B 22 26.46 19.35 -8.16
N VAL B 23 25.40 18.72 -7.64
CA VAL B 23 25.17 17.29 -7.87
C VAL B 23 24.04 17.08 -8.87
N ALA B 24 24.08 15.95 -9.56
CA ALA B 24 23.05 15.63 -10.54
C ALA B 24 22.74 14.14 -10.54
N GLY B 25 21.46 13.81 -10.42
CA GLY B 25 21.04 12.42 -10.39
C GLY B 25 19.53 12.31 -10.23
N TRP B 26 19.08 11.15 -9.73
CA TRP B 26 17.65 10.93 -9.56
C TRP B 26 17.28 10.96 -8.08
N VAL B 27 15.99 11.14 -7.82
CA VAL B 27 15.47 11.18 -6.47
C VAL B 27 15.33 9.75 -5.94
N ALA B 28 16.20 9.41 -4.98
CA ALA B 28 16.16 8.09 -4.38
C ALA B 28 15.10 8.01 -3.29
N HIS B 29 14.86 9.12 -2.60
CA HIS B 29 13.93 9.11 -1.48
C HIS B 29 13.41 10.51 -1.15
N LEU B 30 12.16 10.56 -0.70
CA LEU B 30 11.53 11.81 -0.30
C LEU B 30 10.94 11.70 1.11
N GLY B 31 11.20 12.73 1.92
CA GLY B 31 10.68 12.80 3.26
C GLY B 31 10.16 14.19 3.56
N ASP B 32 8.89 14.28 3.90
CA ASP B 32 8.29 15.55 4.28
C ASP B 32 7.83 15.50 5.72
N TYR B 33 8.52 16.23 6.59
CA TYR B 33 8.24 16.19 8.02
C TYR B 33 7.75 17.53 8.55
N GLY B 34 7.36 18.41 7.63
CA GLY B 34 6.88 19.73 7.99
C GLY B 34 7.94 20.79 7.78
N ARG B 35 8.48 21.31 8.88
CA ARG B 35 9.50 22.34 8.81
C ARG B 35 10.81 21.79 8.23
N VAL B 36 10.92 20.47 8.14
CA VAL B 36 12.06 19.85 7.49
C VAL B 36 11.65 18.89 6.38
N LYS B 37 12.26 19.06 5.21
CA LYS B 37 12.05 18.15 4.09
C LYS B 37 13.39 17.59 3.67
N ILE B 38 13.43 16.30 3.34
CA ILE B 38 14.67 15.67 2.94
C ILE B 38 14.53 14.88 1.63
N VAL B 39 15.34 15.25 0.65
CA VAL B 39 15.40 14.53 -0.62
C VAL B 39 16.77 13.91 -0.81
N LYS B 40 16.79 12.60 -1.02
CA LYS B 40 18.05 11.89 -1.22
C LYS B 40 18.33 11.69 -2.70
N VAL B 41 19.53 12.06 -3.12
CA VAL B 41 19.88 12.02 -4.54
C VAL B 41 21.00 11.04 -4.82
N SER B 42 20.85 10.26 -5.89
CA SER B 42 21.87 9.31 -6.31
C SER B 42 22.13 9.43 -7.80
N ASP B 43 23.36 9.10 -8.20
CA ASP B 43 23.71 9.08 -9.62
C ASP B 43 24.43 7.79 -10.01
N ARG B 44 24.38 6.79 -9.14
CA ARG B 44 25.00 5.52 -9.44
C ARG B 44 24.36 4.39 -8.63
N GLU B 45 23.79 3.41 -9.33
CA GLU B 45 23.19 2.25 -8.69
C GLU B 45 24.20 1.59 -7.76
N GLY B 46 23.77 1.31 -6.53
CA GLY B 46 24.65 0.66 -5.57
C GLY B 46 25.68 1.62 -5.03
N GLY B 47 25.38 2.91 -5.14
CA GLY B 47 26.28 3.94 -4.63
C GLY B 47 25.58 4.81 -3.60
N ALA B 48 26.25 5.86 -3.16
CA ALA B 48 25.72 6.71 -2.09
C ALA B 48 24.52 7.55 -2.53
N ALA B 49 23.62 7.82 -1.58
CA ALA B 49 22.55 8.77 -1.78
C ALA B 49 22.75 9.93 -0.81
N VAL B 50 23.11 11.09 -1.36
CA VAL B 50 23.38 12.27 -0.54
C VAL B 50 22.09 12.97 -0.13
N PRO B 51 21.92 13.18 1.19
CA PRO B 51 20.72 13.85 1.70
C PRO B 51 20.75 15.34 1.42
N VAL B 52 19.71 15.83 0.75
CA VAL B 52 19.56 17.26 0.50
C VAL B 52 18.49 17.81 1.44
N TYR B 53 18.83 18.89 2.14
CA TYR B 53 18.01 19.39 3.24
C TYR B 53 17.29 20.70 2.95
N LEU B 54 15.98 20.71 3.18
CA LEU B 54 15.18 21.93 3.14
C LEU B 54 14.59 22.23 4.52
N GLU B 55 15.12 23.27 5.16
CA GLU B 55 14.72 23.62 6.53
C GLU B 55 14.14 25.03 6.57
N ARG B 56 12.87 25.16 6.94
CA ARG B 56 12.24 26.46 7.05
C ARG B 56 13.07 27.38 7.94
N GLY B 57 13.25 28.61 7.51
CA GLY B 57 14.03 29.58 8.26
C GLY B 57 15.49 29.58 7.87
N LYS B 58 15.89 28.61 7.07
CA LYS B 58 17.28 28.53 6.62
C LYS B 58 17.35 28.36 5.11
N THR B 59 16.43 27.57 4.57
CA THR B 59 16.38 27.33 3.13
C THR B 59 15.44 28.32 2.45
N PRO B 60 15.87 28.87 1.31
CA PRO B 60 15.06 29.81 0.52
C PRO B 60 13.66 29.25 0.28
N ASP B 61 12.64 30.03 0.62
CA ASP B 61 11.27 29.55 0.60
C ASP B 61 10.80 29.00 -0.75
N HIS B 62 11.31 29.55 -1.84
CA HIS B 62 10.85 29.12 -3.16
C HIS B 62 11.23 27.68 -3.47
N LEU B 63 12.26 27.17 -2.80
CA LEU B 63 12.68 25.80 -3.02
C LEU B 63 11.66 24.80 -2.46
N PHE B 64 10.85 25.24 -1.50
CA PHE B 64 9.83 24.38 -0.93
C PHE B 64 8.71 24.11 -1.93
N LYS B 65 8.59 24.96 -2.95
CA LYS B 65 7.61 24.74 -4.01
C LYS B 65 8.14 23.71 -4.99
N VAL B 66 9.43 23.83 -5.33
CA VAL B 66 10.07 22.86 -6.20
C VAL B 66 9.98 21.47 -5.58
N PHE B 67 10.27 21.38 -4.28
CA PHE B 67 10.17 20.12 -3.57
C PHE B 67 8.77 19.51 -3.68
N ALA B 68 7.76 20.37 -3.67
CA ALA B 68 6.38 19.91 -3.77
C ALA B 68 6.07 19.26 -5.11
N GLU B 69 6.86 19.59 -6.13
CA GLU B 69 6.65 19.03 -7.47
CA GLU B 69 6.65 19.02 -7.46
C GLU B 69 7.56 17.82 -7.70
N LEU B 70 8.26 17.40 -6.65
CA LEU B 70 9.22 16.31 -6.74
C LEU B 70 8.56 14.94 -6.55
N SER B 71 9.05 13.96 -7.29
CA SER B 71 8.61 12.59 -7.16
C SER B 71 9.83 11.68 -7.22
N ARG B 72 9.71 10.48 -6.66
CA ARG B 72 10.81 9.54 -6.72
C ARG B 72 11.13 9.19 -8.16
N GLU B 73 12.43 9.09 -8.47
CA GLU B 73 12.93 8.76 -9.81
C GLU B 73 13.08 9.98 -10.72
N ASP B 74 12.63 11.13 -10.27
CA ASP B 74 12.84 12.37 -11.02
C ASP B 74 14.33 12.66 -11.16
N VAL B 75 14.72 13.22 -12.30
CA VAL B 75 16.11 13.63 -12.50
C VAL B 75 16.25 15.11 -12.12
N VAL B 76 17.21 15.40 -11.24
CA VAL B 76 17.39 16.75 -10.72
C VAL B 76 18.82 17.21 -10.81
N VAL B 77 19.00 18.53 -10.77
CA VAL B 77 20.32 19.14 -10.63
C VAL B 77 20.25 20.08 -9.44
N ILE B 78 21.21 19.96 -8.53
CA ILE B 78 21.13 20.70 -7.27
C ILE B 78 22.45 21.37 -6.91
N LYS B 79 22.40 22.69 -6.75
CA LYS B 79 23.54 23.45 -6.25
C LYS B 79 23.31 23.78 -4.78
N GLY B 80 24.33 23.59 -3.96
CA GLY B 80 24.20 23.85 -2.54
C GLY B 80 25.50 23.81 -1.77
N ILE B 81 25.41 24.08 -0.48
CA ILE B 81 26.57 24.06 0.41
C ILE B 81 26.63 22.76 1.19
N VAL B 82 27.82 22.17 1.26
CA VAL B 82 28.00 20.93 2.02
C VAL B 82 28.21 21.22 3.50
N GLU B 83 27.58 20.43 4.35
CA GLU B 83 27.82 20.51 5.78
C GLU B 83 28.15 19.11 6.33
N ALA B 84 29.21 19.05 7.13
CA ALA B 84 29.67 17.77 7.67
C ALA B 84 28.89 17.37 8.91
N THR B 85 28.68 16.07 9.07
CA THR B 85 28.03 15.55 10.26
C THR B 85 28.65 14.21 10.66
N THR B 86 28.36 13.77 11.88
CA THR B 86 28.83 12.49 12.38
C THR B 86 28.10 11.35 11.69
N VAL B 87 28.83 10.35 11.23
CA VAL B 87 28.19 9.19 10.60
C VAL B 87 27.46 8.36 11.63
N THR B 88 26.20 8.05 11.34
CA THR B 88 25.42 7.19 12.21
C THR B 88 24.54 6.28 11.36
N ARG B 89 23.74 5.44 12.01
CA ARG B 89 22.80 4.60 11.30
C ARG B 89 21.92 5.44 10.38
N TRP B 90 21.72 6.70 10.74
CA TRP B 90 20.79 7.57 10.03
C TRP B 90 21.46 8.80 9.43
N ASP B 91 22.79 8.87 9.52
CA ASP B 91 23.52 10.00 8.99
C ASP B 91 24.71 9.56 8.13
N THR B 92 24.73 10.02 6.89
CA THR B 92 25.78 9.70 5.94
C THR B 92 27.13 10.30 6.35
N GLY B 93 27.07 11.42 7.07
CA GLY B 93 28.26 12.15 7.44
C GLY B 93 28.32 13.47 6.70
N VAL B 94 27.39 13.66 5.76
CA VAL B 94 27.34 14.88 4.96
C VAL B 94 25.92 15.28 4.64
N GLU B 95 25.71 16.57 4.47
CA GLU B 95 24.39 17.10 4.13
C GLU B 95 24.58 18.24 3.14
N ILE B 96 23.62 18.40 2.23
CA ILE B 96 23.65 19.50 1.30
C ILE B 96 22.48 20.46 1.54
N PHE B 97 22.81 21.72 1.78
CA PHE B 97 21.79 22.75 1.88
C PHE B 97 21.74 23.53 0.57
N PRO B 98 20.68 23.31 -0.21
CA PRO B 98 20.55 23.78 -1.60
C PRO B 98 20.23 25.25 -1.71
N SER B 99 20.67 25.87 -2.81
CA SER B 99 20.25 27.22 -3.14
C SER B 99 19.46 27.17 -4.44
N GLU B 100 19.67 26.10 -5.20
CA GLU B 100 18.92 25.88 -6.45
C GLU B 100 18.53 24.42 -6.59
N ILE B 101 17.31 24.17 -7.06
CA ILE B 101 16.87 22.83 -7.37
C ILE B 101 16.18 22.77 -8.73
N TRP B 102 16.86 22.17 -9.70
CA TRP B 102 16.33 22.08 -11.05
C TRP B 102 15.77 20.70 -11.34
N ILE B 103 14.59 20.66 -11.94
CA ILE B 103 14.00 19.39 -12.35
C ILE B 103 14.19 19.20 -13.85
N LEU B 104 15.08 18.26 -14.21
CA LEU B 104 15.38 18.02 -15.61
C LEU B 104 14.37 17.09 -16.25
N ASN B 105 13.79 16.21 -15.44
CA ASN B 105 12.86 15.22 -15.99
C ASN B 105 12.01 14.55 -14.92
N LYS B 106 10.70 14.50 -15.20
CA LYS B 106 9.75 13.82 -14.33
C LYS B 106 9.69 12.34 -14.68
N ALA B 107 9.68 11.50 -13.65
CA ALA B 107 9.65 10.05 -13.82
C ALA B 107 8.69 9.61 -14.94
N LYS C 1 -1.06 -1.10 -25.40
CA LYS C 1 -1.78 -1.19 -26.66
C LYS C 1 -3.27 -1.35 -26.44
N VAL C 2 -4.07 -0.60 -27.20
CA VAL C 2 -5.51 -0.73 -27.18
C VAL C 2 -5.99 -1.57 -28.37
N PHE C 3 -6.39 -2.80 -28.09
CA PHE C 3 -6.85 -3.72 -29.15
C PHE C 3 -8.16 -3.30 -29.76
N GLY C 4 -8.39 -3.74 -31.00
CA GLY C 4 -9.69 -3.65 -31.62
C GLY C 4 -10.44 -4.93 -31.31
N ARG C 5 -11.77 -4.85 -31.22
CA ARG C 5 -12.58 -6.01 -30.86
C ARG C 5 -12.18 -7.27 -31.64
N CYS C 6 -12.25 -7.20 -32.96
CA CYS C 6 -11.95 -8.36 -33.80
C CYS C 6 -10.46 -8.70 -33.79
N GLU C 7 -9.62 -7.68 -33.61
CA GLU C 7 -8.17 -7.89 -33.54
C GLU C 7 -7.83 -8.77 -32.34
N LEU C 8 -8.48 -8.50 -31.21
CA LEU C 8 -8.24 -9.25 -29.99
C LEU C 8 -8.78 -10.66 -30.09
N ALA C 9 -9.98 -10.80 -30.64
CA ALA C 9 -10.59 -12.12 -30.83
C ALA C 9 -9.65 -13.03 -31.60
N ALA C 10 -8.99 -12.48 -32.62
CA ALA C 10 -8.07 -13.26 -33.43
C ALA C 10 -6.84 -13.67 -32.62
N ALA C 11 -6.33 -12.75 -31.81
CA ALA C 11 -5.17 -13.01 -30.96
C ALA C 11 -5.51 -14.09 -29.93
N MET C 12 -6.68 -13.96 -29.32
CA MET C 12 -7.11 -14.92 -28.30
C MET C 12 -7.34 -16.30 -28.89
N LYS C 13 -7.92 -16.35 -30.08
CA LYS C 13 -8.15 -17.62 -30.76
C LYS C 13 -6.82 -18.27 -31.12
N ARG C 14 -5.88 -17.44 -31.57
CA ARG C 14 -4.53 -17.90 -31.89
C ARG C 14 -3.86 -18.51 -30.66
N HIS C 15 -4.15 -17.94 -29.49
CA HIS C 15 -3.55 -18.43 -28.23
C HIS C 15 -4.37 -19.53 -27.57
N GLY C 16 -5.37 -20.04 -28.28
CA GLY C 16 -6.12 -21.21 -27.84
C GLY C 16 -7.10 -21.00 -26.70
N LEU C 17 -7.72 -19.83 -26.62
CA LEU C 17 -8.69 -19.56 -25.57
C LEU C 17 -10.10 -20.03 -25.95
N ASP C 18 -10.34 -20.25 -27.23
CA ASP C 18 -11.66 -20.65 -27.69
C ASP C 18 -12.04 -22.01 -27.10
N ASN C 19 -13.05 -21.99 -26.22
CA ASN C 19 -13.54 -23.16 -25.50
C ASN C 19 -12.58 -23.73 -24.47
N TYR C 20 -11.61 -22.92 -24.07
CA TYR C 20 -10.72 -23.30 -22.96
C TYR C 20 -11.55 -23.43 -21.69
N ARG C 21 -11.46 -24.58 -21.04
CA ARG C 21 -12.28 -24.89 -19.87
C ARG C 21 -13.77 -24.75 -20.17
N GLY C 22 -14.12 -24.87 -21.44
CA GLY C 22 -15.51 -24.85 -21.85
C GLY C 22 -16.06 -23.48 -22.19
N TYR C 23 -15.21 -22.45 -22.15
CA TYR C 23 -15.67 -21.09 -22.39
C TYR C 23 -15.40 -20.62 -23.82
N SER C 24 -16.48 -20.37 -24.57
CA SER C 24 -16.38 -19.91 -25.95
C SER C 24 -15.63 -18.59 -26.06
N LEU C 25 -15.00 -18.37 -27.21
CA LEU C 25 -14.18 -17.19 -27.45
C LEU C 25 -14.87 -15.90 -27.01
N GLY C 26 -16.17 -15.79 -27.28
CA GLY C 26 -16.93 -14.60 -26.94
C GLY C 26 -16.80 -14.21 -25.47
N ASN C 27 -16.71 -15.19 -24.59
CA ASN C 27 -16.56 -14.93 -23.16
C ASN C 27 -15.29 -14.16 -22.85
N TRP C 28 -14.21 -14.56 -23.50
CA TRP C 28 -12.90 -13.97 -23.24
C TRP C 28 -12.80 -12.55 -23.80
N VAL C 29 -13.39 -12.33 -24.96
CA VAL C 29 -13.41 -11.00 -25.55
C VAL C 29 -14.28 -10.07 -24.69
N CYS C 30 -15.44 -10.57 -24.28
CA CYS C 30 -16.36 -9.77 -23.48
C CYS C 30 -15.74 -9.40 -22.13
N ALA C 31 -15.03 -10.35 -21.52
CA ALA C 31 -14.37 -10.09 -20.24
C ALA C 31 -13.32 -9.00 -20.37
N ALA C 32 -12.51 -9.08 -21.41
CA ALA C 32 -11.49 -8.07 -21.68
C ALA C 32 -12.11 -6.69 -21.83
N LYS C 33 -13.24 -6.63 -22.50
CA LYS C 33 -13.91 -5.35 -22.77
C LYS C 33 -14.28 -4.64 -21.47
N PHE C 34 -14.85 -5.38 -20.53
CA PHE C 34 -15.35 -4.77 -19.31
C PHE C 34 -14.34 -4.76 -18.17
N GLU C 35 -13.22 -5.46 -18.35
CA GLU C 35 -12.13 -5.41 -17.38
C GLU C 35 -11.13 -4.31 -17.70
N SER C 36 -10.72 -4.22 -18.97
CA SER C 36 -9.65 -3.31 -19.36
C SER C 36 -10.02 -2.42 -20.56
N ASN C 37 -11.21 -2.64 -21.12
CA ASN C 37 -11.62 -1.92 -22.31
C ASN C 37 -10.63 -2.13 -23.46
N PHE C 38 -10.08 -3.34 -23.52
CA PHE C 38 -9.17 -3.73 -24.60
C PHE C 38 -7.78 -3.11 -24.47
N ASN C 39 -7.49 -2.48 -23.33
CA ASN C 39 -6.21 -1.83 -23.11
C ASN C 39 -5.24 -2.70 -22.28
N THR C 40 -4.11 -3.05 -22.89
CA THR C 40 -3.13 -3.92 -22.26
C THR C 40 -2.36 -3.23 -21.13
N GLN C 41 -2.42 -1.91 -21.11
CA GLN C 41 -1.70 -1.13 -20.10
C GLN C 41 -2.57 -0.92 -18.87
N ALA C 42 -3.82 -1.34 -18.94
CA ALA C 42 -4.78 -1.12 -17.87
C ALA C 42 -4.20 -1.41 -16.50
N THR C 43 -4.38 -0.47 -15.57
CA THR C 43 -3.80 -0.54 -14.24
C THR C 43 -4.74 0.03 -13.21
N ASN C 44 -5.04 -0.73 -12.17
CA ASN C 44 -5.94 -0.26 -11.11
C ASN C 44 -5.59 -0.79 -9.73
N ARG C 45 -5.39 0.13 -8.79
CA ARG C 45 -5.14 -0.23 -7.41
C ARG C 45 -6.44 -0.46 -6.65
N ASN C 46 -6.41 -1.45 -5.75
CA ASN C 46 -7.54 -1.72 -4.87
C ASN C 46 -7.24 -1.24 -3.45
N THR C 47 -8.28 -0.99 -2.68
CA THR C 47 -8.13 -0.48 -1.32
C THR C 47 -7.34 -1.43 -0.42
N ASP C 48 -7.22 -2.68 -0.83
CA ASP C 48 -6.58 -3.70 0.00
C ASP C 48 -5.07 -3.75 -0.22
N GLY C 49 -4.57 -2.91 -1.12
CA GLY C 49 -3.14 -2.86 -1.40
C GLY C 49 -2.71 -3.70 -2.59
N SER C 50 -3.66 -4.40 -3.21
CA SER C 50 -3.35 -5.18 -4.40
C SER C 50 -3.66 -4.36 -5.65
N THR C 51 -3.15 -4.81 -6.79
CA THR C 51 -3.38 -4.12 -8.05
C THR C 51 -3.72 -5.11 -9.16
N ASP C 52 -4.50 -4.65 -10.13
CA ASP C 52 -4.92 -5.49 -11.24
C ASP C 52 -4.27 -4.97 -12.52
N TYR C 53 -3.78 -5.88 -13.35
CA TYR C 53 -2.99 -5.47 -14.50
C TYR C 53 -3.35 -6.14 -15.82
N GLY C 54 -3.37 -5.34 -16.88
CA GLY C 54 -3.46 -5.86 -18.22
C GLY C 54 -4.86 -6.08 -18.76
N ILE C 55 -4.89 -6.68 -19.95
CA ILE C 55 -6.11 -6.90 -20.71
C ILE C 55 -7.18 -7.64 -19.89
N LEU C 56 -6.75 -8.45 -18.94
CA LEU C 56 -7.68 -9.24 -18.14
C LEU C 56 -7.61 -8.96 -16.64
N GLN C 57 -6.98 -7.85 -16.28
CA GLN C 57 -6.96 -7.35 -14.90
C GLN C 57 -6.62 -8.40 -13.85
N ILE C 58 -5.52 -9.12 -14.05
CA ILE C 58 -5.05 -10.12 -13.10
C ILE C 58 -4.54 -9.49 -11.81
N ASN C 59 -4.87 -10.11 -10.68
CA ASN C 59 -4.59 -9.54 -9.36
C ASN C 59 -3.21 -9.91 -8.79
N SER C 60 -2.61 -8.97 -8.06
CA SER C 60 -1.23 -9.11 -7.58
C SER C 60 -1.10 -9.85 -6.25
N ARG C 61 -2.22 -10.18 -5.62
CA ARG C 61 -2.19 -10.88 -4.35
C ARG C 61 -1.74 -12.35 -4.50
N TRP C 62 -2.38 -13.07 -5.41
CA TRP C 62 -2.10 -14.48 -5.60
C TRP C 62 -1.36 -14.82 -6.90
N TRP C 63 -1.55 -14.00 -7.93
CA TRP C 63 -1.26 -14.45 -9.30
C TRP C 63 -0.01 -13.90 -9.98
N CYS C 64 0.29 -12.63 -9.77
CA CYS C 64 1.52 -12.07 -10.31
C CYS C 64 2.26 -11.26 -9.25
N ASN C 65 3.57 -11.12 -9.42
CA ASN C 65 4.39 -10.40 -8.47
C ASN C 65 4.64 -8.95 -8.91
N ASP C 66 4.22 -7.99 -8.10
CA ASP C 66 4.46 -6.59 -8.40
C ASP C 66 5.39 -5.95 -7.38
N GLY C 67 5.82 -6.73 -6.41
CA GLY C 67 6.82 -6.30 -5.45
C GLY C 67 6.31 -5.40 -4.32
N ARG C 68 5.01 -5.08 -4.33
CA ARG C 68 4.46 -4.22 -3.30
C ARG C 68 3.13 -4.70 -2.73
N THR C 69 2.85 -5.99 -2.90
CA THR C 69 1.61 -6.57 -2.40
C THR C 69 1.92 -7.61 -1.32
N PRO C 70 1.43 -7.38 -0.10
CA PRO C 70 1.59 -8.31 1.02
C PRO C 70 0.81 -9.60 0.79
N GLY C 71 1.36 -10.74 1.19
CA GLY C 71 0.69 -12.01 1.00
C GLY C 71 0.82 -12.52 -0.42
N SER C 72 1.83 -12.02 -1.12
CA SER C 72 2.09 -12.38 -2.52
C SER C 72 2.36 -13.87 -2.69
N ARG C 73 1.64 -14.51 -3.60
CA ARG C 73 1.86 -15.93 -3.89
C ARG C 73 2.50 -16.14 -5.25
N ASN C 74 2.21 -15.25 -6.19
CA ASN C 74 2.77 -15.30 -7.52
C ASN C 74 2.63 -16.69 -8.16
N LEU C 75 1.40 -17.20 -8.16
CA LEU C 75 1.12 -18.54 -8.67
C LEU C 75 1.36 -18.66 -10.16
N CYS C 76 1.26 -17.55 -10.89
CA CYS C 76 1.55 -17.54 -12.32
C CYS C 76 3.04 -17.43 -12.60
N ASN C 77 3.81 -17.19 -11.54
CA ASN C 77 5.26 -17.07 -11.63
C ASN C 77 5.75 -16.06 -12.67
N ILE C 78 5.08 -14.92 -12.76
CA ILE C 78 5.53 -13.85 -13.63
C ILE C 78 5.37 -12.51 -12.94
N PRO C 79 6.25 -11.56 -13.27
CA PRO C 79 6.09 -10.20 -12.73
C PRO C 79 4.87 -9.54 -13.36
N CYS C 80 4.15 -8.74 -12.58
CA CYS C 80 2.93 -8.10 -13.07
C CYS C 80 3.18 -7.25 -14.31
N SER C 81 4.41 -6.74 -14.46
CA SER C 81 4.74 -5.88 -15.58
C SER C 81 4.66 -6.63 -16.91
N ALA C 82 4.92 -7.94 -16.87
CA ALA C 82 4.86 -8.77 -18.07
C ALA C 82 3.43 -8.84 -18.62
N LEU C 83 2.48 -8.45 -17.79
CA LEU C 83 1.06 -8.45 -18.16
C LEU C 83 0.67 -7.18 -18.88
N LEU C 84 1.63 -6.29 -19.12
CA LEU C 84 1.34 -4.99 -19.70
C LEU C 84 1.76 -4.86 -21.17
N SER C 85 2.53 -5.82 -21.65
CA SER C 85 3.03 -5.76 -23.03
C SER C 85 1.90 -5.84 -24.06
N SER C 86 2.18 -5.37 -25.26
CA SER C 86 1.23 -5.46 -26.37
C SER C 86 1.10 -6.92 -26.83
N ASP C 87 2.01 -7.76 -26.36
CA ASP C 87 1.94 -9.19 -26.58
C ASP C 87 1.20 -9.85 -25.42
N ILE C 88 0.06 -10.46 -25.71
CA ILE C 88 -0.85 -10.95 -24.67
C ILE C 88 -0.51 -12.35 -24.15
N THR C 89 0.62 -12.90 -24.61
CA THR C 89 1.01 -14.25 -24.22
C THR C 89 0.99 -14.46 -22.70
N ALA C 90 1.62 -13.56 -21.95
CA ALA C 90 1.68 -13.68 -20.50
C ALA C 90 0.30 -13.65 -19.85
N SER C 91 -0.54 -12.70 -20.27
CA SER C 91 -1.88 -12.60 -19.71
C SER C 91 -2.68 -13.87 -20.02
N VAL C 92 -2.63 -14.32 -21.27
CA VAL C 92 -3.31 -15.56 -21.67
C VAL C 92 -2.86 -16.74 -20.81
N ASN C 93 -1.55 -16.92 -20.71
CA ASN C 93 -1.00 -18.03 -19.93
C ASN C 93 -1.46 -18.00 -18.48
N CYS C 94 -1.49 -16.80 -17.90
CA CYS C 94 -1.89 -16.65 -16.51
C CYS C 94 -3.40 -16.88 -16.33
N ALA C 95 -4.18 -16.37 -17.28
CA ALA C 95 -5.63 -16.54 -17.25
C ALA C 95 -6.00 -18.01 -17.34
N LYS C 96 -5.21 -18.78 -18.09
CA LYS C 96 -5.46 -20.21 -18.22
C LYS C 96 -5.31 -20.90 -16.87
N LYS C 97 -4.36 -20.44 -16.07
CA LYS C 97 -4.17 -21.01 -14.75
C LYS C 97 -5.32 -20.61 -13.83
N ILE C 98 -5.67 -19.33 -13.89
CA ILE C 98 -6.77 -18.80 -13.09
C ILE C 98 -8.10 -19.50 -13.40
N VAL C 99 -8.40 -19.65 -14.68
CA VAL C 99 -9.68 -20.24 -15.07
C VAL C 99 -9.69 -21.76 -14.86
N SER C 100 -8.56 -22.29 -14.40
CA SER C 100 -8.46 -23.71 -14.08
C SER C 100 -8.40 -23.95 -12.58
N ASP C 101 -8.55 -22.88 -11.80
CA ASP C 101 -8.41 -22.97 -10.34
C ASP C 101 -9.54 -23.72 -9.66
N GLY C 102 -10.68 -23.83 -10.34
CA GLY C 102 -11.81 -24.57 -9.82
C GLY C 102 -13.13 -23.81 -9.83
N ASN C 103 -13.09 -22.56 -10.29
CA ASN C 103 -14.29 -21.74 -10.29
C ASN C 103 -14.64 -21.15 -11.67
N GLY C 104 -13.99 -21.68 -12.70
CA GLY C 104 -14.23 -21.19 -14.05
C GLY C 104 -13.91 -19.71 -14.16
N MET C 105 -14.69 -19.00 -14.97
CA MET C 105 -14.47 -17.58 -15.18
C MET C 105 -15.05 -16.73 -14.05
N ASN C 106 -15.63 -17.38 -13.05
CA ASN C 106 -16.15 -16.68 -11.88
C ASN C 106 -15.06 -15.92 -11.12
N ALA C 107 -13.82 -16.11 -11.54
CA ALA C 107 -12.70 -15.38 -10.98
C ALA C 107 -12.70 -13.92 -11.45
N TRP C 108 -13.42 -13.64 -12.53
CA TRP C 108 -13.48 -12.29 -13.07
C TRP C 108 -14.81 -11.60 -12.78
N VAL C 109 -14.77 -10.61 -11.90
CA VAL C 109 -15.97 -9.92 -11.44
C VAL C 109 -16.69 -9.18 -12.58
N ALA C 110 -15.92 -8.60 -13.51
CA ALA C 110 -16.51 -7.87 -14.63
C ALA C 110 -17.26 -8.81 -15.57
N TRP C 111 -16.69 -9.99 -15.77
CA TRP C 111 -17.34 -11.00 -16.59
C TRP C 111 -18.64 -11.46 -15.93
N ARG C 112 -18.60 -11.66 -14.61
CA ARG C 112 -19.79 -12.06 -13.87
C ARG C 112 -20.91 -11.03 -13.97
N ASN C 113 -20.56 -9.75 -13.87
CA ASN C 113 -21.56 -8.70 -13.82
C ASN C 113 -22.03 -8.18 -15.19
N ARG C 114 -21.27 -8.48 -16.23
CA ARG C 114 -21.58 -7.92 -17.55
C ARG C 114 -21.68 -8.95 -18.68
N CYS C 115 -21.05 -10.12 -18.49
CA CYS C 115 -20.94 -11.08 -19.58
C CYS C 115 -21.68 -12.39 -19.31
N LYS C 116 -21.52 -12.92 -18.09
CA LYS C 116 -22.12 -14.19 -17.72
C LYS C 116 -23.62 -14.24 -18.03
N GLY C 117 -24.04 -15.28 -18.74
CA GLY C 117 -25.44 -15.50 -19.04
C GLY C 117 -26.01 -14.66 -20.16
N THR C 118 -25.15 -13.97 -20.90
CA THR C 118 -25.61 -13.17 -22.04
C THR C 118 -25.13 -13.78 -23.35
N ASP C 119 -25.56 -13.19 -24.46
CA ASP C 119 -25.14 -13.64 -25.78
C ASP C 119 -23.72 -13.20 -26.06
N VAL C 120 -22.75 -13.92 -25.51
CA VAL C 120 -21.36 -13.51 -25.57
C VAL C 120 -20.77 -13.66 -26.97
N GLN C 121 -21.31 -14.58 -27.76
CA GLN C 121 -20.79 -14.79 -29.12
C GLN C 121 -20.93 -13.53 -29.96
N ALA C 122 -21.83 -12.65 -29.57
CA ALA C 122 -22.02 -11.39 -30.27
C ALA C 122 -20.71 -10.59 -30.36
N TRP C 123 -19.79 -10.88 -29.46
CA TRP C 123 -18.52 -10.15 -29.38
C TRP C 123 -17.49 -10.60 -30.42
N ILE C 124 -17.78 -11.67 -31.14
CA ILE C 124 -16.88 -12.15 -32.17
C ILE C 124 -17.54 -12.19 -33.54
N ARG C 125 -18.83 -11.87 -33.57
CA ARG C 125 -19.58 -11.87 -34.82
C ARG C 125 -19.18 -10.67 -35.68
N GLY C 126 -18.97 -10.92 -36.97
CA GLY C 126 -18.51 -9.88 -37.87
C GLY C 126 -17.01 -10.02 -38.13
N CYS C 127 -16.29 -10.48 -37.12
CA CYS C 127 -14.89 -10.81 -37.31
C CYS C 127 -14.88 -12.04 -38.19
N ARG C 128 -13.77 -12.31 -38.85
CA ARG C 128 -13.69 -13.48 -39.71
C ARG C 128 -12.67 -14.49 -39.18
N LEU C 129 -12.82 -14.86 -37.92
CA LEU C 129 -11.90 -15.77 -37.27
C LEU C 129 -11.78 -17.09 -38.04
N SER D 2 -21.88 -17.41 18.02
CA SER D 2 -22.11 -18.01 16.72
C SER D 2 -23.53 -18.57 16.63
N PRO D 3 -24.20 -18.32 15.50
CA PRO D 3 -25.60 -18.73 15.27
C PRO D 3 -25.73 -20.22 14.99
N LYS D 4 -26.94 -20.75 15.16
CA LYS D 4 -27.19 -22.18 14.96
C LYS D 4 -27.42 -22.54 13.50
N LYS D 5 -26.80 -23.63 13.07
CA LYS D 5 -26.89 -24.13 11.70
C LYS D 5 -28.32 -24.43 11.27
N THR D 6 -28.81 -23.72 10.25
CA THR D 6 -30.18 -23.92 9.77
C THR D 6 -30.28 -24.91 8.60
N HIS D 7 -29.17 -25.14 7.90
CA HIS D 7 -29.19 -25.97 6.70
C HIS D 7 -27.91 -26.77 6.50
N TRP D 8 -28.06 -28.02 6.08
CA TRP D 8 -26.92 -28.80 5.58
C TRP D 8 -26.62 -28.34 4.17
N THR D 9 -25.36 -28.47 3.74
CA THR D 9 -24.94 -27.91 2.46
C THR D 9 -25.72 -28.48 1.28
N ALA D 10 -25.88 -29.80 1.26
CA ALA D 10 -26.63 -30.46 0.20
C ALA D 10 -28.07 -29.97 0.14
N GLU D 11 -28.52 -29.32 1.22
CA GLU D 11 -29.87 -28.80 1.31
C GLU D 11 -30.00 -27.40 0.72
N ILE D 12 -28.86 -26.79 0.38
CA ILE D 12 -28.87 -25.46 -0.22
C ILE D 12 -29.21 -25.58 -1.70
N THR D 13 -30.46 -25.24 -2.04
CA THR D 13 -30.95 -25.40 -3.40
C THR D 13 -31.47 -24.07 -3.95
N PRO D 14 -31.59 -23.97 -5.29
CA PRO D 14 -32.05 -22.75 -5.96
C PRO D 14 -33.34 -22.19 -5.37
N ASN D 15 -34.21 -23.08 -4.87
CA ASN D 15 -35.46 -22.69 -4.23
C ASN D 15 -35.27 -21.69 -3.09
N LEU D 16 -34.09 -21.72 -2.48
CA LEU D 16 -33.83 -20.87 -1.32
C LEU D 16 -33.41 -19.46 -1.74
N HIS D 17 -33.41 -19.20 -3.04
CA HIS D 17 -33.02 -17.90 -3.56
C HIS D 17 -33.70 -16.77 -2.80
N GLY D 18 -32.89 -15.88 -2.22
CA GLY D 18 -33.40 -14.72 -1.55
C GLY D 18 -33.50 -14.86 -0.04
N SER D 19 -33.44 -16.09 0.45
CA SER D 19 -33.59 -16.34 1.88
C SER D 19 -32.24 -16.44 2.60
N GLU D 20 -32.27 -16.20 3.91
CA GLU D 20 -31.06 -16.25 4.71
C GLU D 20 -30.87 -17.64 5.29
N VAL D 21 -29.63 -18.14 5.25
CA VAL D 21 -29.33 -19.46 5.77
C VAL D 21 -28.06 -19.43 6.60
N VAL D 22 -27.90 -20.43 7.47
CA VAL D 22 -26.67 -20.60 8.22
C VAL D 22 -26.12 -22.00 7.96
N VAL D 23 -24.95 -22.06 7.32
CA VAL D 23 -24.30 -23.33 7.07
C VAL D 23 -23.07 -23.50 7.96
N ALA D 24 -22.71 -24.75 8.24
CA ALA D 24 -21.57 -25.04 9.09
C ALA D 24 -20.83 -26.27 8.60
N GLY D 25 -19.51 -26.13 8.43
CA GLY D 25 -18.68 -27.21 7.96
C GLY D 25 -17.23 -26.79 7.84
N TRP D 26 -16.47 -27.51 7.02
CA TRP D 26 -15.06 -27.17 6.83
C TRP D 26 -14.81 -26.53 5.47
N VAL D 27 -13.66 -25.87 5.36
CA VAL D 27 -13.28 -25.24 4.11
C VAL D 27 -12.72 -26.27 3.13
N ALA D 28 -13.49 -26.54 2.09
CA ALA D 28 -13.10 -27.50 1.07
C ALA D 28 -12.14 -26.88 0.07
N HIS D 29 -12.31 -25.58 -0.20
CA HIS D 29 -11.49 -24.92 -1.20
C HIS D 29 -11.44 -23.40 -1.01
N LEU D 30 -10.30 -22.81 -1.35
CA LEU D 30 -10.12 -21.37 -1.28
C LEU D 30 -9.63 -20.82 -2.61
N GLY D 31 -10.25 -19.73 -3.04
CA GLY D 31 -9.84 -19.05 -4.25
C GLY D 31 -9.80 -17.55 -4.03
N ASP D 32 -8.64 -16.96 -4.27
CA ASP D 32 -8.48 -15.52 -4.15
C ASP D 32 -8.14 -14.92 -5.51
N TYR D 33 -9.08 -14.20 -6.11
CA TYR D 33 -8.89 -13.67 -7.45
C TYR D 33 -8.88 -12.15 -7.47
N GLY D 34 -8.71 -11.54 -6.29
CA GLY D 34 -8.68 -10.10 -6.17
C GLY D 34 -10.01 -9.57 -5.66
N ARG D 35 -10.74 -8.90 -6.55
CA ARG D 35 -12.05 -8.34 -6.19
C ARG D 35 -13.07 -9.42 -5.86
N VAL D 36 -12.75 -10.66 -6.22
CA VAL D 36 -13.62 -11.79 -5.89
C VAL D 36 -12.85 -12.88 -5.15
N LYS D 37 -13.39 -13.30 -4.01
CA LYS D 37 -12.84 -14.43 -3.26
C LYS D 37 -13.93 -15.48 -3.13
N ILE D 38 -13.54 -16.75 -3.26
CA ILE D 38 -14.50 -17.85 -3.17
C ILE D 38 -14.05 -18.93 -2.20
N VAL D 39 -14.85 -19.18 -1.18
CA VAL D 39 -14.58 -20.28 -0.25
C VAL D 39 -15.70 -21.32 -0.34
N LYS D 40 -15.32 -22.57 -0.59
CA LYS D 40 -16.29 -23.64 -0.70
C LYS D 40 -16.39 -24.43 0.61
N VAL D 41 -17.62 -24.61 1.08
CA VAL D 41 -17.87 -25.22 2.38
C VAL D 41 -18.58 -26.56 2.26
N SER D 42 -18.11 -27.55 3.01
CA SER D 42 -18.72 -28.87 3.03
C SER D 42 -18.95 -29.36 4.46
N ASP D 43 -19.99 -30.16 4.65
CA ASP D 43 -20.27 -30.74 5.96
C ASP D 43 -20.42 -32.25 5.86
N ARG D 44 -19.97 -32.79 4.72
CA ARG D 44 -19.96 -34.23 4.47
C ARG D 44 -18.85 -34.59 3.47
N GLU D 45 -18.13 -35.67 3.73
CA GLU D 45 -17.19 -36.18 2.74
C GLU D 45 -17.96 -36.62 1.50
N GLY D 46 -17.39 -36.33 0.33
CA GLY D 46 -18.05 -36.67 -0.93
C GLY D 46 -19.34 -35.90 -1.12
N GLY D 47 -19.58 -34.93 -0.25
CA GLY D 47 -20.81 -34.18 -0.25
C GLY D 47 -20.77 -32.92 -1.08
N ALA D 48 -21.81 -32.11 -0.94
CA ALA D 48 -21.90 -30.85 -1.64
C ALA D 48 -20.88 -29.87 -1.08
N ALA D 49 -20.24 -29.12 -1.97
CA ALA D 49 -19.46 -27.99 -1.53
C ALA D 49 -20.13 -26.72 -2.02
N VAL D 50 -20.78 -26.00 -1.11
CA VAL D 50 -21.47 -24.78 -1.47
C VAL D 50 -20.50 -23.61 -1.57
N PRO D 51 -20.49 -22.91 -2.71
CA PRO D 51 -19.61 -21.76 -2.92
C PRO D 51 -20.07 -20.55 -2.14
N VAL D 52 -19.19 -20.01 -1.29
CA VAL D 52 -19.47 -18.79 -0.57
C VAL D 52 -18.70 -17.65 -1.22
N TYR D 53 -19.39 -16.56 -1.52
CA TYR D 53 -18.84 -15.48 -2.35
C TYR D 53 -18.55 -14.18 -1.61
N LEU D 54 -17.32 -13.70 -1.75
CA LEU D 54 -16.94 -12.38 -1.25
C LEU D 54 -16.56 -11.46 -2.40
N GLU D 55 -17.42 -10.48 -2.69
CA GLU D 55 -17.25 -9.60 -3.83
C GLU D 55 -17.13 -8.14 -3.37
N ARG D 56 -15.98 -7.52 -3.62
CA ARG D 56 -15.79 -6.11 -3.26
C ARG D 56 -16.94 -5.28 -3.83
N GLY D 57 -17.46 -4.38 -3.00
CA GLY D 57 -18.54 -3.50 -3.40
C GLY D 57 -19.91 -4.10 -3.13
N LYS D 58 -19.94 -5.36 -2.72
CA LYS D 58 -21.19 -6.04 -2.41
C LYS D 58 -21.11 -6.70 -1.03
N THR D 59 -19.96 -7.28 -0.74
CA THR D 59 -19.74 -7.97 0.52
C THR D 59 -19.12 -7.02 1.55
N PRO D 60 -19.64 -7.03 2.78
CA PRO D 60 -19.10 -6.24 3.89
C PRO D 60 -17.57 -6.37 3.99
N ASP D 61 -16.87 -5.24 3.99
CA ASP D 61 -15.42 -5.24 3.90
C ASP D 61 -14.72 -6.04 5.00
N HIS D 62 -15.31 -6.08 6.19
CA HIS D 62 -14.65 -6.75 7.31
C HIS D 62 -14.55 -8.26 7.10
N LEU D 63 -15.42 -8.81 6.26
CA LEU D 63 -15.38 -10.24 5.97
C LEU D 63 -14.14 -10.61 5.15
N PHE D 64 -13.57 -9.63 4.45
CA PHE D 64 -12.36 -9.87 3.66
C PHE D 64 -11.15 -10.11 4.55
N LYS D 65 -11.24 -9.66 5.81
CA LYS D 65 -10.17 -9.91 6.76
C LYS D 65 -10.30 -11.33 7.33
N VAL D 66 -11.53 -11.73 7.63
CA VAL D 66 -11.80 -13.09 8.07
C VAL D 66 -11.30 -14.09 7.04
N PHE D 67 -11.62 -13.82 5.77
CA PHE D 67 -11.20 -14.69 4.68
C PHE D 67 -9.68 -14.82 4.65
N ALA D 68 -9.00 -13.74 4.99
CA ALA D 68 -7.54 -13.73 4.98
C ALA D 68 -6.95 -14.66 6.03
N GLU D 69 -7.74 -14.97 7.07
CA GLU D 69 -7.27 -15.86 8.11
C GLU D 69 -7.75 -17.29 7.89
N LEU D 70 -8.36 -17.53 6.74
CA LEU D 70 -8.92 -18.84 6.42
C LEU D 70 -7.89 -19.77 5.80
N SER D 71 -7.99 -21.04 6.16
CA SER D 71 -7.14 -22.09 5.58
C SER D 71 -8.03 -23.27 5.27
N ARG D 72 -7.60 -24.12 4.34
CA ARG D 72 -8.36 -25.31 4.01
CA ARG D 72 -8.41 -25.27 4.03
C ARG D 72 -8.46 -26.22 5.23
N GLU D 73 -9.63 -26.81 5.44
CA GLU D 73 -9.90 -27.71 6.56
C GLU D 73 -10.36 -26.99 7.83
N ASP D 74 -10.32 -25.67 7.82
CA ASP D 74 -10.86 -24.89 8.93
C ASP D 74 -12.35 -25.15 9.09
N VAL D 75 -12.83 -25.16 10.34
CA VAL D 75 -14.26 -25.30 10.61
C VAL D 75 -14.86 -23.91 10.72
N VAL D 76 -15.92 -23.65 9.97
CA VAL D 76 -16.54 -22.34 9.96
C VAL D 76 -18.05 -22.40 10.09
N VAL D 77 -18.63 -21.26 10.48
CA VAL D 77 -20.08 -21.10 10.49
C VAL D 77 -20.38 -19.83 9.70
N ILE D 78 -21.31 -19.93 8.75
CA ILE D 78 -21.54 -18.85 7.83
C ILE D 78 -23.02 -18.52 7.65
N LYS D 79 -23.39 -17.28 7.95
CA LYS D 79 -24.74 -16.78 7.70
C LYS D 79 -24.72 -15.95 6.43
N GLY D 80 -25.67 -16.18 5.54
CA GLY D 80 -25.72 -15.43 4.30
C GLY D 80 -26.99 -15.61 3.51
N ILE D 81 -27.07 -14.89 2.37
CA ILE D 81 -28.22 -14.97 1.48
C ILE D 81 -27.92 -15.89 0.31
N VAL D 82 -28.88 -16.75 -0.01
CA VAL D 82 -28.73 -17.66 -1.13
C VAL D 82 -29.11 -16.99 -2.44
N GLU D 83 -28.32 -17.21 -3.47
CA GLU D 83 -28.63 -16.73 -4.82
C GLU D 83 -28.56 -17.87 -5.81
N ALA D 84 -29.59 -18.01 -6.64
CA ALA D 84 -29.65 -19.10 -7.58
C ALA D 84 -28.88 -18.79 -8.87
N THR D 85 -28.30 -19.82 -9.47
CA THR D 85 -27.59 -19.67 -10.73
C THR D 85 -27.79 -20.92 -11.58
N THR D 86 -27.46 -20.82 -12.85
CA THR D 86 -27.60 -21.96 -13.73
C THR D 86 -26.46 -22.95 -13.51
N VAL D 87 -26.81 -24.24 -13.44
CA VAL D 87 -25.82 -25.28 -13.21
C VAL D 87 -24.91 -25.42 -14.42
N THR D 88 -23.61 -25.39 -14.20
CA THR D 88 -22.65 -25.61 -15.27
C THR D 88 -21.49 -26.44 -14.73
N ARG D 89 -20.51 -26.71 -15.59
CA ARG D 89 -19.30 -27.40 -15.18
C ARG D 89 -18.67 -26.71 -13.97
N TRP D 90 -18.90 -25.40 -13.87
CA TRP D 90 -18.25 -24.58 -12.85
C TRP D 90 -19.22 -23.89 -11.91
N ASP D 91 -20.50 -24.20 -12.04
CA ASP D 91 -21.53 -23.60 -11.19
C ASP D 91 -22.45 -24.67 -10.60
N THR D 92 -22.55 -24.68 -9.28
CA THR D 92 -23.38 -25.64 -8.55
C THR D 92 -24.87 -25.37 -8.77
N GLY D 93 -25.20 -24.12 -9.08
CA GLY D 93 -26.59 -23.72 -9.24
C GLY D 93 -27.01 -22.84 -8.09
N VAL D 94 -26.12 -22.65 -7.13
CA VAL D 94 -26.42 -21.90 -5.93
C VAL D 94 -25.17 -21.18 -5.42
N GLU D 95 -25.36 -20.01 -4.81
CA GLU D 95 -24.27 -19.23 -4.27
C GLU D 95 -24.71 -18.58 -2.97
N ILE D 96 -23.79 -18.45 -2.03
CA ILE D 96 -24.10 -17.81 -0.75
C ILE D 96 -23.32 -16.52 -0.60
N PHE D 97 -24.03 -15.42 -0.40
CA PHE D 97 -23.37 -14.15 -0.09
C PHE D 97 -23.49 -13.88 1.39
N PRO D 98 -22.36 -13.98 2.10
CA PRO D 98 -22.33 -14.01 3.57
C PRO D 98 -22.46 -12.63 4.19
N SER D 99 -22.98 -12.61 5.41
CA SER D 99 -23.01 -11.39 6.22
C SER D 99 -22.14 -11.62 7.44
N GLU D 100 -21.97 -12.90 7.80
CA GLU D 100 -21.11 -13.27 8.92
C GLU D 100 -20.27 -14.49 8.57
N ILE D 101 -19.00 -14.48 8.98
CA ILE D 101 -18.14 -15.65 8.83
C ILE D 101 -17.41 -15.93 10.13
N TRP D 102 -17.79 -17.00 10.81
CA TRP D 102 -17.18 -17.36 12.08
C TRP D 102 -16.20 -18.52 11.90
N ILE D 103 -15.03 -18.39 12.51
CA ILE D 103 -14.05 -19.47 12.51
C ILE D 103 -14.09 -20.21 13.84
N LEU D 104 -14.60 -21.43 13.82
CA LEU D 104 -14.72 -22.21 15.05
C LEU D 104 -13.42 -22.95 15.37
N ASN D 105 -12.65 -23.27 14.34
CA ASN D 105 -11.47 -24.08 14.54
C ASN D 105 -10.51 -24.03 13.37
N LYS D 106 -9.24 -23.77 13.68
CA LYS D 106 -8.18 -23.83 12.68
C LYS D 106 -7.80 -25.29 12.46
N ALA D 107 -7.73 -25.70 11.20
CA ALA D 107 -7.45 -27.09 10.82
C ALA D 107 -6.57 -27.82 11.84
N LYS E 1 -38.08 13.55 28.13
CA LYS E 1 -37.11 13.41 29.22
C LYS E 1 -35.75 13.96 28.83
N VAL E 2 -35.16 14.76 29.71
CA VAL E 2 -33.81 15.26 29.49
C VAL E 2 -32.82 14.46 30.32
N PHE E 3 -32.04 13.61 29.65
CA PHE E 3 -31.08 12.73 30.30
C PHE E 3 -29.91 13.51 30.91
N GLY E 4 -29.29 12.92 31.92
CA GLY E 4 -28.02 13.39 32.42
C GLY E 4 -26.92 12.66 31.68
N ARG E 5 -25.78 13.32 31.49
CA ARG E 5 -24.69 12.73 30.70
C ARG E 5 -24.41 11.28 31.09
N CYS E 6 -24.08 11.04 32.36
CA CYS E 6 -23.75 9.70 32.82
C CYS E 6 -24.98 8.78 32.86
N GLU E 7 -26.15 9.36 33.09
CA GLU E 7 -27.38 8.59 33.09
C GLU E 7 -27.62 7.96 31.72
N LEU E 8 -27.38 8.75 30.67
CA LEU E 8 -27.59 8.29 29.30
C LEU E 8 -26.54 7.26 28.90
N ALA E 9 -25.28 7.51 29.26
CA ALA E 9 -24.20 6.57 28.98
C ALA E 9 -24.54 5.18 29.53
N ALA E 10 -25.12 5.14 30.73
CA ALA E 10 -25.49 3.86 31.33
C ALA E 10 -26.62 3.18 30.58
N ALA E 11 -27.61 3.98 30.14
CA ALA E 11 -28.72 3.45 29.36
C ALA E 11 -28.25 2.91 28.01
N MET E 12 -27.37 3.66 27.37
CA MET E 12 -26.83 3.25 26.07
C MET E 12 -25.99 1.99 26.18
N LYS E 13 -25.19 1.91 27.24
CA LYS E 13 -24.36 0.74 27.49
C LYS E 13 -25.25 -0.48 27.73
N ARG E 14 -26.30 -0.26 28.52
CA ARG E 14 -27.29 -1.30 28.80
C ARG E 14 -27.93 -1.81 27.51
N HIS E 15 -28.12 -0.91 26.55
CA HIS E 15 -28.75 -1.25 25.28
C HIS E 15 -27.74 -1.73 24.22
N GLY E 16 -26.49 -1.93 24.65
CA GLY E 16 -25.48 -2.55 23.79
C GLY E 16 -24.89 -1.69 22.69
N LEU E 17 -24.80 -0.39 22.92
CA LEU E 17 -24.24 0.51 21.91
C LEU E 17 -22.72 0.61 21.99
N ASP E 18 -22.15 0.20 23.12
CA ASP E 18 -20.70 0.29 23.30
C ASP E 18 -19.97 -0.60 22.29
N ASN E 19 -19.26 0.04 21.36
CA ASN E 19 -18.52 -0.65 20.30
C ASN E 19 -19.41 -1.26 19.22
N TYR E 20 -20.66 -0.84 19.17
CA TYR E 20 -21.56 -1.29 18.11
C TYR E 20 -21.04 -0.74 16.77
N ARG E 21 -20.82 -1.63 15.81
CA ARG E 21 -20.23 -1.25 14.54
C ARG E 21 -18.87 -0.60 14.72
N GLY E 22 -18.23 -0.87 15.86
CA GLY E 22 -16.89 -0.37 16.12
C GLY E 22 -16.83 0.99 16.81
N TYR E 23 -17.99 1.54 17.15
CA TYR E 23 -18.03 2.87 17.77
C TYR E 23 -18.15 2.82 19.29
N SER E 24 -17.11 3.31 19.97
CA SER E 24 -17.08 3.33 21.42
C SER E 24 -18.24 4.15 22.01
N LEU E 25 -18.64 3.81 23.23
CA LEU E 25 -19.76 4.43 23.91
C LEU E 25 -19.73 5.97 23.81
N GLY E 26 -18.54 6.53 23.99
CA GLY E 26 -18.37 7.97 23.95
C GLY E 26 -18.93 8.61 22.70
N ASN E 27 -18.82 7.93 21.57
CA ASN E 27 -19.36 8.44 20.31
C ASN E 27 -20.86 8.66 20.37
N TRP E 28 -21.57 7.70 20.96
CA TRP E 28 -23.03 7.76 21.01
C TRP E 28 -23.53 8.81 21.99
N VAL E 29 -22.83 8.96 23.11
CA VAL E 29 -23.18 10.00 24.07
C VAL E 29 -22.93 11.37 23.47
N CYS E 30 -21.78 11.53 22.82
CA CYS E 30 -21.39 12.78 22.19
C CYS E 30 -22.39 13.18 21.09
N ALA E 31 -22.83 12.20 20.31
CA ALA E 31 -23.77 12.45 19.24
C ALA E 31 -25.10 12.96 19.79
N ALA E 32 -25.59 12.30 20.83
CA ALA E 32 -26.84 12.69 21.47
C ALA E 32 -26.77 14.12 21.99
N LYS E 33 -25.61 14.48 22.53
CA LYS E 33 -25.39 15.81 23.10
C LYS E 33 -25.62 16.90 22.08
N PHE E 34 -25.04 16.72 20.90
CA PHE E 34 -25.06 17.75 19.87
C PHE E 34 -26.23 17.63 18.90
N GLU E 35 -26.94 16.50 18.97
CA GLU E 35 -28.14 16.32 18.17
C GLU E 35 -29.38 16.80 18.92
N SER E 36 -29.50 16.40 20.19
CA SER E 36 -30.73 16.65 20.94
C SER E 36 -30.49 17.30 22.28
N ASN E 37 -29.22 17.47 22.64
CA ASN E 37 -28.86 17.97 23.97
C ASN E 37 -29.44 17.09 25.07
N PHE E 38 -29.48 15.79 24.81
CA PHE E 38 -29.94 14.80 25.78
C PHE E 38 -31.45 14.80 25.99
N ASN E 39 -32.17 15.50 25.13
CA ASN E 39 -33.63 15.58 25.23
C ASN E 39 -34.34 14.61 24.29
N THR E 40 -35.11 13.69 24.86
CA THR E 40 -35.79 12.68 24.05
C THR E 40 -36.99 13.23 23.30
N GLN E 41 -37.44 14.42 23.68
CA GLN E 41 -38.59 15.06 23.05
C GLN E 41 -38.16 15.90 21.86
N ALA E 42 -36.85 16.04 21.67
CA ALA E 42 -36.29 16.89 20.64
C ALA E 42 -37.00 16.72 19.30
N THR E 43 -37.39 17.84 18.71
CA THR E 43 -38.14 17.84 17.46
C THR E 43 -37.73 19.02 16.58
N ASN E 44 -37.38 18.72 15.33
CA ASN E 44 -36.98 19.77 14.40
C ASN E 44 -37.40 19.49 12.96
N ARG E 45 -38.12 20.45 12.37
CA ARG E 45 -38.51 20.34 10.97
C ARG E 45 -37.41 20.86 10.05
N ASN E 46 -37.25 20.22 8.91
CA ASN E 46 -36.33 20.67 7.89
C ASN E 46 -37.08 21.31 6.72
N THR E 47 -36.39 22.15 5.96
CA THR E 47 -37.00 22.86 4.84
C THR E 47 -37.55 21.92 3.78
N ASP E 48 -37.08 20.67 3.78
CA ASP E 48 -37.49 19.72 2.74
C ASP E 48 -38.76 18.97 3.09
N GLY E 49 -39.33 19.27 4.25
CA GLY E 49 -40.59 18.65 4.66
C GLY E 49 -40.40 17.45 5.58
N SER E 50 -39.15 17.10 5.86
CA SER E 50 -38.88 16.00 6.77
C SER E 50 -38.65 16.54 8.18
N THR E 51 -38.71 15.65 9.16
CA THR E 51 -38.52 16.04 10.55
C THR E 51 -37.58 15.06 11.25
N ASP E 52 -36.82 15.56 12.23
CA ASP E 52 -35.92 14.70 13.00
C ASP E 52 -36.44 14.58 14.43
N TYR E 53 -36.38 13.37 14.98
CA TYR E 53 -37.00 13.11 16.27
C TYR E 53 -36.13 12.39 17.28
N GLY E 54 -36.21 12.83 18.53
CA GLY E 54 -35.64 12.10 19.65
C GLY E 54 -34.18 12.35 19.97
N ILE E 55 -33.68 11.55 20.89
CA ILE E 55 -32.33 11.69 21.43
C ILE E 55 -31.26 11.70 20.32
N LEU E 56 -31.53 11.02 19.22
CA LEU E 56 -30.55 10.93 18.13
C LEU E 56 -31.05 11.51 16.81
N GLN E 57 -32.11 12.30 16.88
CA GLN E 57 -32.65 13.05 15.73
C GLN E 57 -32.75 12.26 14.43
N ILE E 58 -33.42 11.11 14.50
CA ILE E 58 -33.66 10.28 13.32
C ILE E 58 -34.64 10.93 12.35
N ASN E 59 -34.36 10.81 11.06
CA ASN E 59 -35.13 11.51 10.02
C ASN E 59 -36.32 10.74 9.48
N SER E 60 -37.38 11.47 9.14
CA SER E 60 -38.66 10.86 8.77
C SER E 60 -38.79 10.49 7.30
N ARG E 61 -37.79 10.83 6.50
CA ARG E 61 -37.82 10.52 5.08
C ARG E 61 -37.66 9.03 4.83
N TRP E 62 -36.62 8.44 5.41
CA TRP E 62 -36.32 7.03 5.18
C TRP E 62 -36.60 6.12 6.38
N TRP E 63 -36.49 6.66 7.58
CA TRP E 63 -36.29 5.81 8.76
C TRP E 63 -37.48 5.61 9.69
N CYS E 64 -38.26 6.65 9.94
CA CYS E 64 -39.48 6.47 10.71
C CYS E 64 -40.67 7.15 10.02
N ASN E 65 -41.87 6.69 10.35
CA ASN E 65 -43.08 7.22 9.74
C ASN E 65 -43.76 8.25 10.63
N ASP E 66 -43.91 9.47 10.11
CA ASP E 66 -44.57 10.53 10.86
C ASP E 66 -45.87 10.95 10.17
N GLY E 67 -46.18 10.30 9.06
CA GLY E 67 -47.44 10.50 8.37
C GLY E 67 -47.55 11.77 7.54
N ARG E 68 -46.50 12.58 7.52
CA ARG E 68 -46.54 13.84 6.78
C ARG E 68 -45.29 14.10 5.96
N THR E 69 -44.52 13.05 5.70
CA THR E 69 -43.30 13.19 4.90
C THR E 69 -43.40 12.41 3.60
N PRO E 70 -43.32 13.10 2.47
CA PRO E 70 -43.36 12.46 1.15
C PRO E 70 -42.10 11.64 0.88
N GLY E 71 -42.27 10.50 0.22
CA GLY E 71 -41.15 9.62 -0.06
C GLY E 71 -40.77 8.78 1.14
N SER E 72 -41.71 8.63 2.06
CA SER E 72 -41.48 7.88 3.29
C SER E 72 -41.17 6.40 3.02
N ARG E 73 -40.09 5.91 3.63
CA ARG E 73 -39.69 4.51 3.46
C ARG E 73 -39.91 3.72 4.76
N ASN E 74 -39.80 4.42 5.89
CA ASN E 74 -39.98 3.81 7.19
C ASN E 74 -39.21 2.50 7.36
N LEU E 75 -37.90 2.56 7.09
CA LEU E 75 -37.04 1.39 7.13
C LEU E 75 -36.91 0.82 8.55
N CYS E 76 -37.07 1.66 9.55
CA CYS E 76 -37.04 1.20 10.94
C CYS E 76 -38.38 0.60 11.38
N ASN E 77 -39.39 0.73 10.52
CA ASN E 77 -40.71 0.18 10.79
C ASN E 77 -41.31 0.64 12.12
N ILE E 78 -41.09 1.91 12.46
CA ILE E 78 -41.66 2.47 13.68
C ILE E 78 -42.22 3.87 13.42
N PRO E 79 -43.30 4.24 14.12
CA PRO E 79 -43.79 5.61 14.02
C PRO E 79 -42.80 6.56 14.69
N CYS E 80 -42.63 7.75 14.13
CA CYS E 80 -41.66 8.70 14.67
C CYS E 80 -41.93 9.05 16.13
N SER E 81 -43.19 8.96 16.55
CA SER E 81 -43.59 9.29 17.92
C SER E 81 -42.97 8.34 18.93
N ALA E 82 -42.71 7.11 18.51
CA ALA E 82 -42.09 6.11 19.38
C ALA E 82 -40.67 6.51 19.74
N LEU E 83 -40.11 7.45 18.98
CA LEU E 83 -38.76 7.93 19.21
C LEU E 83 -38.72 9.05 20.24
N LEU E 84 -39.87 9.35 20.83
CA LEU E 84 -40.02 10.48 21.75
C LEU E 84 -40.11 10.08 23.22
N SER E 85 -40.33 8.80 23.47
CA SER E 85 -40.52 8.31 24.83
C SER E 85 -39.25 8.45 25.68
N SER E 86 -39.44 8.45 26.99
CA SER E 86 -38.32 8.50 27.93
C SER E 86 -37.55 7.19 27.89
N ASP E 87 -38.16 6.17 27.28
CA ASP E 87 -37.51 4.89 27.04
C ASP E 87 -36.83 4.92 25.67
N ILE E 88 -35.51 4.79 25.65
CA ILE E 88 -34.75 4.99 24.41
C ILE E 88 -34.63 3.74 23.54
N THR E 89 -35.34 2.69 23.91
CA THR E 89 -35.28 1.43 23.17
C THR E 89 -35.49 1.63 21.66
N ALA E 90 -36.56 2.33 21.30
CA ALA E 90 -36.87 2.54 19.89
C ALA E 90 -35.76 3.31 19.16
N SER E 91 -35.28 4.39 19.76
CA SER E 91 -34.20 5.18 19.18
C SER E 91 -32.97 4.32 18.97
N VAL E 92 -32.56 3.61 20.01
CA VAL E 92 -31.40 2.73 19.93
C VAL E 92 -31.56 1.70 18.81
N ASN E 93 -32.70 1.02 18.77
CA ASN E 93 -32.93 0.01 17.75
C ASN E 93 -32.86 0.57 16.35
N CYS E 94 -33.39 1.78 16.17
CA CYS E 94 -33.39 2.42 14.86
C CYS E 94 -31.97 2.88 14.48
N ALA E 95 -31.27 3.43 15.45
CA ALA E 95 -29.89 3.89 15.26
C ALA E 95 -28.99 2.73 14.85
N LYS E 96 -29.25 1.55 15.39
CA LYS E 96 -28.46 0.37 15.03
C LYS E 96 -28.63 0.03 13.56
N LYS E 97 -29.83 0.22 13.04
CA LYS E 97 -30.09 -0.04 11.62
C LYS E 97 -29.38 1.03 10.78
N ILE E 98 -29.52 2.28 11.21
CA ILE E 98 -28.91 3.42 10.53
C ILE E 98 -27.39 3.27 10.45
N VAL E 99 -26.77 2.95 11.58
CA VAL E 99 -25.32 2.86 11.68
C VAL E 99 -24.78 1.61 10.97
N SER E 100 -25.70 0.78 10.49
CA SER E 100 -25.32 -0.44 9.78
C SER E 100 -25.61 -0.31 8.28
N ASP E 101 -26.02 0.87 7.86
CA ASP E 101 -26.44 1.09 6.48
C ASP E 101 -25.27 1.09 5.48
N GLY E 102 -24.06 1.32 5.98
CA GLY E 102 -22.88 1.26 5.15
C GLY E 102 -21.97 2.46 5.27
N ASN E 103 -22.37 3.43 6.10
CA ASN E 103 -21.63 4.67 6.25
C ASN E 103 -21.22 4.97 7.69
N GLY E 104 -21.37 3.99 8.58
CA GLY E 104 -21.05 4.20 9.98
C GLY E 104 -21.87 5.32 10.58
N MET E 105 -21.28 6.07 11.49
CA MET E 105 -21.97 7.18 12.14
C MET E 105 -21.97 8.44 11.27
N ASN E 106 -21.43 8.35 10.06
CA ASN E 106 -21.46 9.47 9.12
C ASN E 106 -22.88 9.86 8.75
N ALA E 107 -23.85 9.07 9.19
CA ALA E 107 -25.26 9.39 8.98
C ALA E 107 -25.71 10.54 9.88
N TRP E 108 -24.93 10.84 10.92
CA TRP E 108 -25.28 11.92 11.84
C TRP E 108 -24.38 13.14 11.64
N VAL E 109 -24.98 14.21 11.11
CA VAL E 109 -24.24 15.43 10.80
C VAL E 109 -23.64 16.11 12.03
N ALA E 110 -24.35 16.06 13.15
CA ALA E 110 -23.85 16.67 14.38
C ALA E 110 -22.63 15.93 14.93
N TRP E 111 -22.65 14.60 14.81
CA TRP E 111 -21.51 13.78 15.20
C TRP E 111 -20.31 14.11 14.30
N ARG E 112 -20.56 14.24 13.00
CA ARG E 112 -19.51 14.58 12.05
C ARG E 112 -18.84 15.91 12.38
N ASN E 113 -19.66 16.91 12.72
CA ASN E 113 -19.18 18.28 12.92
C ASN E 113 -18.62 18.56 14.31
N ARG E 114 -18.97 17.71 15.28
CA ARG E 114 -18.65 18.01 16.68
C ARG E 114 -17.91 16.88 17.41
N CYS E 115 -18.10 15.65 16.95
CA CYS E 115 -17.60 14.49 17.68
C CYS E 115 -16.50 13.74 16.94
N LYS E 116 -16.70 13.51 15.65
CA LYS E 116 -15.77 12.72 14.86
C LYS E 116 -14.33 13.23 14.99
N GLY E 117 -13.41 12.33 15.30
CA GLY E 117 -12.00 12.67 15.37
C GLY E 117 -11.57 13.36 16.65
N THR E 118 -12.46 13.41 17.64
CA THR E 118 -12.12 14.03 18.92
C THR E 118 -12.03 12.99 20.02
N ASP E 119 -11.61 13.41 21.21
CA ASP E 119 -11.54 12.51 22.35
C ASP E 119 -12.94 12.25 22.90
N VAL E 120 -13.66 11.35 22.24
CA VAL E 120 -15.05 11.09 22.57
C VAL E 120 -15.24 10.39 23.90
N GLN E 121 -14.25 9.62 24.33
CA GLN E 121 -14.35 8.89 25.58
C GLN E 121 -14.52 9.84 26.77
N ALA E 122 -14.11 11.09 26.58
CA ALA E 122 -14.27 12.12 27.60
C ALA E 122 -15.72 12.23 28.05
N TRP E 123 -16.64 11.81 27.19
CA TRP E 123 -18.07 11.95 27.48
C TRP E 123 -18.62 10.88 28.42
N ILE E 124 -17.81 9.87 28.74
CA ILE E 124 -18.23 8.85 29.69
C ILE E 124 -17.34 8.77 30.92
N ARG E 125 -16.35 9.64 31.00
CA ARG E 125 -15.46 9.65 32.15
C ARG E 125 -16.11 10.31 33.36
N GLY E 126 -15.83 9.76 34.54
CA GLY E 126 -16.43 10.24 35.77
C GLY E 126 -17.79 9.63 36.02
N CYS E 127 -18.18 8.67 35.17
CA CYS E 127 -19.48 8.03 35.28
C CYS E 127 -19.35 6.62 35.84
N ARG E 128 -20.43 6.11 36.43
CA ARG E 128 -20.44 4.77 36.98
C ARG E 128 -21.06 3.77 36.00
N LEU E 129 -20.20 3.11 35.23
CA LEU E 129 -20.67 2.12 34.27
C LEU E 129 -20.31 0.71 34.71
N SER F 2 -21.59 18.41 -20.21
CA SER F 2 -21.04 17.91 -18.95
C SER F 2 -19.53 17.88 -19.00
N PRO F 3 -18.88 18.19 -17.85
CA PRO F 3 -17.42 18.30 -17.74
C PRO F 3 -16.70 16.98 -17.94
N LYS F 4 -15.42 17.05 -18.30
CA LYS F 4 -14.62 15.88 -18.63
C LYS F 4 -13.96 15.23 -17.41
N LYS F 5 -14.23 13.94 -17.24
CA LYS F 5 -13.59 13.11 -16.22
C LYS F 5 -12.12 13.51 -16.02
N THR F 6 -11.71 13.73 -14.77
CA THR F 6 -10.32 14.05 -14.48
C THR F 6 -9.60 12.92 -13.74
N HIS F 7 -10.37 12.04 -13.08
CA HIS F 7 -9.80 10.94 -12.31
C HIS F 7 -10.69 9.70 -12.32
N TRP F 8 -10.07 8.53 -12.26
CA TRP F 8 -10.80 7.30 -11.96
C TRP F 8 -11.02 7.29 -10.45
N THR F 9 -12.11 6.68 -10.00
CA THR F 9 -12.44 6.66 -8.57
C THR F 9 -11.28 6.16 -7.71
N ALA F 10 -10.60 5.11 -8.18
CA ALA F 10 -9.47 4.55 -7.44
C ALA F 10 -8.33 5.54 -7.34
N GLU F 11 -8.37 6.57 -8.19
CA GLU F 11 -7.31 7.59 -8.23
C GLU F 11 -7.60 8.74 -7.25
N ILE F 12 -8.78 8.73 -6.65
CA ILE F 12 -9.14 9.73 -5.67
C ILE F 12 -8.50 9.39 -4.32
N THR F 13 -7.42 10.10 -3.98
CA THR F 13 -6.64 9.79 -2.79
C THR F 13 -6.53 11.02 -1.88
N PRO F 14 -6.20 10.81 -0.60
CA PRO F 14 -6.10 11.90 0.37
C PRO F 14 -5.20 13.05 -0.11
N ASN F 15 -4.20 12.75 -0.92
CA ASN F 15 -3.31 13.75 -1.51
C ASN F 15 -4.07 14.86 -2.23
N LEU F 16 -5.24 14.53 -2.73
CA LEU F 16 -6.01 15.46 -3.54
C LEU F 16 -6.82 16.42 -2.68
N HIS F 17 -6.65 16.31 -1.37
CA HIS F 17 -7.40 17.18 -0.45
C HIS F 17 -7.30 18.64 -0.86
N GLY F 18 -8.47 19.25 -1.05
CA GLY F 18 -8.54 20.66 -1.37
C GLY F 18 -8.69 20.97 -2.85
N SER F 19 -8.40 19.99 -3.70
CA SER F 19 -8.47 20.24 -5.13
C SER F 19 -9.79 19.77 -5.75
N GLU F 20 -10.12 20.33 -6.92
CA GLU F 20 -11.35 20.00 -7.62
C GLU F 20 -11.13 18.84 -8.56
N VAL F 21 -12.08 17.91 -8.57
CA VAL F 21 -12.00 16.74 -9.44
C VAL F 21 -13.33 16.50 -10.14
N VAL F 22 -13.27 15.77 -11.24
CA VAL F 22 -14.48 15.33 -11.93
C VAL F 22 -14.46 13.82 -12.08
N VAL F 23 -15.38 13.14 -11.40
CA VAL F 23 -15.48 11.69 -11.50
C VAL F 23 -16.71 11.29 -12.32
N ALA F 24 -16.65 10.12 -12.94
CA ALA F 24 -17.74 9.63 -13.77
C ALA F 24 -17.91 8.13 -13.63
N GLY F 25 -19.13 7.70 -13.32
CA GLY F 25 -19.41 6.29 -13.14
C GLY F 25 -20.86 6.05 -12.77
N TRP F 26 -21.14 4.91 -12.15
CA TRP F 26 -22.50 4.58 -11.78
C TRP F 26 -22.71 4.69 -10.27
N VAL F 27 -23.97 4.79 -9.87
CA VAL F 27 -24.32 4.88 -8.46
C VAL F 27 -24.26 3.49 -7.82
N ALA F 28 -23.27 3.29 -6.96
CA ALA F 28 -23.10 2.01 -6.30
C ALA F 28 -24.00 1.93 -5.07
N HIS F 29 -24.25 3.07 -4.43
CA HIS F 29 -25.05 3.06 -3.21
C HIS F 29 -25.66 4.43 -2.90
N LEU F 30 -26.84 4.41 -2.31
CA LEU F 30 -27.53 5.64 -1.90
C LEU F 30 -27.91 5.58 -0.43
N GLY F 31 -27.65 6.68 0.27
CA GLY F 31 -28.02 6.80 1.67
C GLY F 31 -28.64 8.16 1.95
N ASP F 32 -29.87 8.15 2.44
CA ASP F 32 -30.55 9.40 2.80
C ASP F 32 -30.80 9.42 4.30
N TYR F 33 -30.09 10.27 5.01
CA TYR F 33 -30.18 10.30 6.47
C TYR F 33 -30.74 11.63 6.97
N GLY F 34 -31.33 12.40 6.05
CA GLY F 34 -31.87 13.70 6.39
C GLY F 34 -30.96 14.84 5.98
N ARG F 35 -30.34 15.49 6.96
CA ARG F 35 -29.43 16.59 6.71
C ARG F 35 -28.16 16.12 5.99
N VAL F 36 -27.96 14.81 5.95
CA VAL F 36 -26.82 14.20 5.26
C VAL F 36 -27.29 13.18 4.23
N LYS F 37 -26.86 13.32 2.99
CA LYS F 37 -27.10 12.31 1.95
C LYS F 37 -25.76 11.83 1.42
N ILE F 38 -25.64 10.53 1.18
CA ILE F 38 -24.40 9.98 0.66
C ILE F 38 -24.62 9.07 -0.56
N VAL F 39 -23.96 9.44 -1.66
CA VAL F 39 -24.00 8.68 -2.91
C VAL F 39 -22.61 8.13 -3.21
N LYS F 40 -22.50 6.81 -3.34
CA LYS F 40 -21.21 6.20 -3.64
C LYS F 40 -21.08 5.92 -5.14
N VAL F 41 -19.98 6.36 -5.73
CA VAL F 41 -19.80 6.25 -7.17
C VAL F 41 -18.63 5.33 -7.54
N SER F 42 -18.85 4.48 -8.54
CA SER F 42 -17.81 3.56 -9.02
C SER F 42 -17.74 3.60 -10.53
N ASP F 43 -16.54 3.35 -11.06
CA ASP F 43 -16.32 3.31 -12.50
C ASP F 43 -15.65 2.01 -12.92
N ARG F 44 -15.77 1.00 -12.06
CA ARG F 44 -15.04 -0.24 -12.26
C ARG F 44 -15.73 -1.35 -11.49
N GLU F 45 -16.04 -2.45 -12.15
CA GLU F 45 -16.76 -3.54 -11.51
C GLU F 45 -16.01 -4.03 -10.28
N GLY F 46 -16.73 -4.13 -9.16
CA GLY F 46 -16.15 -4.54 -7.89
C GLY F 46 -15.00 -3.65 -7.46
N GLY F 47 -14.96 -2.43 -7.97
CA GLY F 47 -13.85 -1.54 -7.71
C GLY F 47 -14.10 -0.58 -6.56
N ALA F 48 -13.29 0.46 -6.49
CA ALA F 48 -13.44 1.49 -5.46
C ALA F 48 -14.78 2.20 -5.62
N ALA F 49 -15.37 2.61 -4.50
CA ALA F 49 -16.56 3.45 -4.53
C ALA F 49 -16.32 4.70 -3.72
N VAL F 50 -16.16 5.84 -4.38
CA VAL F 50 -15.89 7.08 -3.68
C VAL F 50 -17.18 7.70 -3.15
N PRO F 51 -17.22 7.99 -1.84
CA PRO F 51 -18.41 8.60 -1.25
C PRO F 51 -18.55 10.07 -1.62
N VAL F 52 -19.70 10.41 -2.19
CA VAL F 52 -20.02 11.79 -2.53
C VAL F 52 -21.01 12.31 -1.51
N TYR F 53 -20.73 13.48 -0.97
CA TYR F 53 -21.42 13.94 0.20
C TYR F 53 -22.29 15.20 -0.01
N LEU F 54 -23.56 15.11 0.37
CA LEU F 54 -24.46 16.26 0.37
C LEU F 54 -24.91 16.63 1.79
N GLU F 55 -24.42 17.75 2.30
CA GLU F 55 -24.70 18.19 3.67
C GLU F 55 -25.41 19.52 3.69
N ARG F 56 -26.63 19.54 4.23
CA ARG F 56 -27.38 20.79 4.37
C ARG F 56 -26.49 21.83 5.06
N GLY F 57 -26.49 23.05 4.52
CA GLY F 57 -25.73 24.13 5.11
C GLY F 57 -24.33 24.23 4.54
N LYS F 58 -23.94 23.24 3.75
CA LYS F 58 -22.62 23.20 3.13
C LYS F 58 -22.72 22.97 1.63
N THR F 59 -23.62 22.06 1.25
CA THR F 59 -23.83 21.70 -0.15
C THR F 59 -24.93 22.56 -0.75
N PRO F 60 -24.69 23.10 -1.96
CA PRO F 60 -25.69 23.88 -2.67
C PRO F 60 -27.04 23.17 -2.71
N ASP F 61 -28.09 23.87 -2.29
CA ASP F 61 -29.41 23.26 -2.12
C ASP F 61 -29.98 22.59 -3.35
N HIS F 62 -29.66 23.10 -4.53
CA HIS F 62 -30.21 22.56 -5.76
C HIS F 62 -29.74 21.13 -6.02
N LEU F 63 -28.60 20.77 -5.47
CA LEU F 63 -28.06 19.42 -5.63
C LEU F 63 -28.90 18.38 -4.90
N PHE F 64 -29.65 18.81 -3.89
CA PHE F 64 -30.50 17.91 -3.13
C PHE F 64 -31.70 17.46 -3.95
N LYS F 65 -32.01 18.22 -4.99
CA LYS F 65 -33.08 17.84 -5.91
C LYS F 65 -32.58 16.79 -6.90
N VAL F 66 -31.38 17.00 -7.40
CA VAL F 66 -30.75 16.02 -8.28
C VAL F 66 -30.62 14.67 -7.56
N PHE F 67 -30.18 14.72 -6.31
CA PHE F 67 -30.07 13.50 -5.51
C PHE F 67 -31.39 12.77 -5.41
N ALA F 68 -32.48 13.54 -5.32
CA ALA F 68 -33.83 12.99 -5.21
C ALA F 68 -34.21 12.19 -6.47
N GLU F 69 -33.56 12.51 -7.59
CA GLU F 69 -33.85 11.86 -8.85
C GLU F 69 -32.91 10.70 -9.10
N LEU F 70 -32.05 10.42 -8.13
CA LEU F 70 -31.02 9.41 -8.28
C LEU F 70 -31.50 8.01 -7.90
N SER F 71 -31.01 7.02 -8.64
CA SER F 71 -31.31 5.63 -8.36
C SER F 71 -30.03 4.82 -8.53
N ARG F 72 -29.97 3.66 -7.89
CA ARG F 72 -28.81 2.79 -8.01
C ARG F 72 -28.62 2.40 -9.46
N GLU F 73 -27.37 2.41 -9.93
CA GLU F 73 -27.03 2.01 -11.29
C GLU F 73 -27.08 3.16 -12.30
N ASP F 74 -27.58 4.31 -11.87
CA ASP F 74 -27.57 5.51 -12.70
C ASP F 74 -26.14 5.88 -13.07
N VAL F 75 -25.95 6.39 -14.27
CA VAL F 75 -24.66 6.91 -14.69
C VAL F 75 -24.62 8.41 -14.42
N VAL F 76 -23.60 8.85 -13.67
CA VAL F 76 -23.49 10.26 -13.30
C VAL F 76 -22.12 10.83 -13.59
N VAL F 77 -22.06 12.16 -13.67
CA VAL F 77 -20.79 12.87 -13.72
C VAL F 77 -20.82 13.91 -12.61
N ILE F 78 -19.74 13.95 -11.83
CA ILE F 78 -19.74 14.78 -10.63
C ILE F 78 -18.46 15.58 -10.44
N LYS F 79 -18.63 16.90 -10.36
CA LYS F 79 -17.52 17.80 -10.07
C LYS F 79 -17.59 18.21 -8.62
N GLY F 80 -16.46 18.16 -7.94
CA GLY F 80 -16.44 18.51 -6.53
C GLY F 80 -15.06 18.64 -5.93
N ILE F 81 -15.02 18.98 -4.65
CA ILE F 81 -13.77 19.15 -3.93
C ILE F 81 -13.49 17.92 -3.07
N VAL F 82 -12.25 17.45 -3.12
CA VAL F 82 -11.84 16.31 -2.32
C VAL F 82 -11.48 16.72 -0.90
N GLU F 83 -11.94 15.95 0.07
CA GLU F 83 -11.55 16.13 1.47
C GLU F 83 -11.01 14.84 2.05
N ALA F 84 -9.86 14.93 2.71
CA ALA F 84 -9.21 13.75 3.28
C ALA F 84 -9.80 13.37 4.63
N THR F 85 -9.83 12.07 4.91
CA THR F 85 -10.32 11.57 6.18
C THR F 85 -9.52 10.34 6.59
N THR F 86 -9.61 9.97 7.86
CA THR F 86 -8.92 8.78 8.36
C THR F 86 -9.64 7.53 7.87
N VAL F 87 -8.87 6.56 7.38
CA VAL F 87 -9.49 5.33 6.90
C VAL F 87 -9.99 4.49 8.07
N THR F 88 -11.24 4.05 7.98
CA THR F 88 -11.82 3.19 8.99
C THR F 88 -12.70 2.14 8.31
N ARG F 89 -13.32 1.30 9.12
CA ARG F 89 -14.27 0.32 8.62
C ARG F 89 -15.34 1.01 7.75
N TRP F 90 -15.59 2.29 8.05
CA TRP F 90 -16.69 3.01 7.41
C TRP F 90 -16.23 4.24 6.65
N ASP F 91 -14.92 4.43 6.56
CA ASP F 91 -14.37 5.58 5.86
C ASP F 91 -13.26 5.19 4.91
N THR F 92 -13.43 5.56 3.64
CA THR F 92 -12.48 5.26 2.58
C THR F 92 -11.16 6.01 2.77
N GLY F 93 -11.23 7.15 3.43
CA GLY F 93 -10.08 8.01 3.60
C GLY F 93 -10.22 9.27 2.75
N VAL F 94 -11.30 9.31 1.98
CA VAL F 94 -11.52 10.43 1.07
C VAL F 94 -13.02 10.70 0.89
N GLU F 95 -13.37 11.96 0.68
CA GLU F 95 -14.76 12.36 0.48
C GLU F 95 -14.82 13.43 -0.59
N ILE F 96 -15.89 13.41 -1.37
CA ILE F 96 -16.09 14.45 -2.39
C ILE F 96 -17.30 15.31 -2.04
N PHE F 97 -17.08 16.62 -1.95
CA PHE F 97 -18.18 17.56 -1.79
C PHE F 97 -18.47 18.22 -3.13
N PRO F 98 -19.60 17.85 -3.73
CA PRO F 98 -19.90 18.21 -5.12
C PRO F 98 -20.38 19.65 -5.28
N SER F 99 -20.14 20.20 -6.46
CA SER F 99 -20.72 21.48 -6.84
C SER F 99 -21.67 21.26 -8.02
N GLU F 100 -21.46 20.15 -8.72
CA GLU F 100 -22.31 19.77 -9.85
C GLU F 100 -22.58 18.27 -9.83
N ILE F 101 -23.82 17.89 -10.14
CA ILE F 101 -24.18 16.49 -10.29
C ILE F 101 -25.01 16.28 -11.55
N TRP F 102 -24.40 15.66 -12.55
CA TRP F 102 -25.07 15.42 -13.83
C TRP F 102 -25.53 13.99 -13.94
N ILE F 103 -26.77 13.79 -14.39
CA ILE F 103 -27.28 12.46 -14.65
C ILE F 103 -27.24 12.17 -16.14
N LEU F 104 -26.33 11.29 -16.53
CA LEU F 104 -26.17 10.94 -17.95
C LEU F 104 -27.16 9.88 -18.39
N ASN F 105 -27.56 9.00 -17.47
CA ASN F 105 -28.42 7.88 -17.82
C ASN F 105 -29.05 7.24 -16.60
N LYS F 106 -30.35 6.95 -16.69
CA LYS F 106 -31.09 6.37 -15.57
C LYS F 106 -31.03 4.84 -15.54
N ALA F 107 -31.28 4.29 -14.37
CA ALA F 107 -31.27 2.84 -14.14
C ALA F 107 -31.52 2.53 -12.68
N LYS G 1 36.22 2.83 -25.72
CA LYS G 1 35.27 2.87 -26.82
C LYS G 1 33.82 2.90 -26.31
N VAL G 2 33.02 3.78 -26.91
CA VAL G 2 31.60 3.84 -26.58
C VAL G 2 30.79 3.13 -27.66
N PHE G 3 30.26 1.96 -27.30
CA PHE G 3 29.50 1.15 -28.24
C PHE G 3 28.15 1.77 -28.59
N GLY G 4 27.65 1.39 -29.76
CA GLY G 4 26.27 1.68 -30.12
C GLY G 4 25.42 0.51 -29.68
N ARG G 5 24.17 0.78 -29.33
CA ARG G 5 23.27 -0.27 -28.83
C ARG G 5 23.33 -1.55 -29.65
N CYS G 6 23.02 -1.44 -30.94
CA CYS G 6 22.99 -2.60 -31.80
C CYS G 6 24.38 -3.14 -32.12
N GLU G 7 25.37 -2.24 -32.10
CA GLU G 7 26.75 -2.65 -32.31
C GLU G 7 27.20 -3.60 -31.21
N LEU G 8 26.82 -3.28 -29.97
CA LEU G 8 27.19 -4.10 -28.82
C LEU G 8 26.44 -5.43 -28.81
N ALA G 9 25.15 -5.38 -29.12
CA ALA G 9 24.34 -6.60 -29.18
C ALA G 9 24.98 -7.61 -30.14
N ALA G 10 25.50 -7.12 -31.26
CA ALA G 10 26.15 -7.96 -32.25
C ALA G 10 27.41 -8.59 -31.69
N ALA G 11 28.20 -7.76 -30.99
CA ALA G 11 29.45 -8.23 -30.38
C ALA G 11 29.17 -9.28 -29.31
N MET G 12 28.17 -9.01 -28.48
CA MET G 12 27.81 -9.93 -27.40
C MET G 12 27.29 -11.26 -27.96
N LYS G 13 26.48 -11.18 -29.01
CA LYS G 13 25.94 -12.36 -29.66
C LYS G 13 27.08 -13.19 -30.25
N ARG G 14 28.01 -12.49 -30.89
CA ARG G 14 29.22 -13.10 -31.44
C ARG G 14 30.00 -13.85 -30.37
N HIS G 15 30.03 -13.29 -29.17
CA HIS G 15 30.77 -13.88 -28.06
C HIS G 15 29.95 -14.88 -27.24
N GLY G 16 28.77 -15.22 -27.75
CA GLY G 16 27.97 -16.29 -27.18
C GLY G 16 27.26 -16.00 -25.87
N LEU G 17 26.85 -14.75 -25.67
CA LEU G 17 26.14 -14.38 -24.44
C LEU G 17 24.65 -14.64 -24.53
N ASP G 18 24.13 -14.78 -25.75
CA ASP G 18 22.70 -15.00 -25.95
C ASP G 18 22.25 -16.30 -25.29
N ASN G 19 21.45 -16.18 -24.23
CA ASN G 19 20.95 -17.33 -23.48
C ASN G 19 22.00 -18.02 -22.62
N TYR G 20 23.13 -17.35 -22.39
CA TYR G 20 24.14 -17.89 -21.50
C TYR G 20 23.57 -17.95 -20.08
N ARG G 21 23.62 -19.13 -19.47
CA ARG G 21 23.02 -19.35 -18.16
C ARG G 21 21.53 -18.99 -18.17
N GLY G 22 20.92 -19.02 -19.34
CA GLY G 22 19.49 -18.80 -19.47
C GLY G 22 19.09 -17.35 -19.69
N TYR G 23 20.06 -16.45 -19.81
CA TYR G 23 19.78 -15.03 -19.96
C TYR G 23 19.82 -14.56 -21.41
N SER G 24 18.66 -14.13 -21.93
CA SER G 24 18.55 -13.67 -23.31
C SER G 24 19.45 -12.45 -23.55
N LEU G 25 19.87 -12.28 -24.80
CA LEU G 25 20.80 -11.22 -25.18
C LEU G 25 20.39 -9.85 -24.62
N GLY G 26 19.10 -9.57 -24.64
CA GLY G 26 18.59 -8.29 -24.14
C GLY G 26 19.06 -7.96 -22.73
N ASN G 27 19.16 -8.98 -21.89
CA ASN G 27 19.62 -8.80 -20.52
C ASN G 27 21.03 -8.22 -20.46
N TRP G 28 21.91 -8.74 -21.31
CA TRP G 28 23.31 -8.33 -21.31
C TRP G 28 23.49 -6.92 -21.85
N VAL G 29 22.72 -6.58 -22.88
CA VAL G 29 22.78 -5.25 -23.45
C VAL G 29 22.24 -4.25 -22.44
N CYS G 30 21.12 -4.59 -21.83
CA CYS G 30 20.48 -3.73 -20.85
C CYS G 30 21.40 -3.48 -19.65
N ALA G 31 22.10 -4.51 -19.20
CA ALA G 31 23.01 -4.40 -18.08
C ALA G 31 24.15 -3.46 -18.40
N ALA G 32 24.73 -3.61 -19.59
CA ALA G 32 25.82 -2.74 -20.02
C ALA G 32 25.39 -1.28 -20.05
N LYS G 33 24.15 -1.06 -20.49
CA LYS G 33 23.62 0.29 -20.61
C LYS G 33 23.63 1.03 -19.27
N PHE G 34 23.16 0.35 -18.22
CA PHE G 34 23.00 0.99 -16.93
C PHE G 34 24.20 0.82 -16.01
N GLU G 35 25.15 -0.02 -16.43
CA GLU G 35 26.40 -0.16 -15.68
C GLU G 35 27.47 0.80 -16.20
N SER G 36 27.61 0.87 -17.52
CA SER G 36 28.72 1.63 -18.12
C SER G 36 28.26 2.60 -19.19
N ASN G 37 26.97 2.57 -19.51
CA ASN G 37 26.44 3.38 -20.61
C ASN G 37 27.15 3.06 -21.92
N PHE G 38 27.50 1.79 -22.10
CA PHE G 38 28.13 1.30 -23.33
C PHE G 38 29.59 1.73 -23.48
N ASN G 39 30.17 2.28 -22.42
CA ASN G 39 31.56 2.73 -22.47
C ASN G 39 32.53 1.72 -21.84
N THR G 40 33.45 1.23 -22.66
CA THR G 40 34.39 0.20 -22.22
C THR G 40 35.47 0.74 -21.28
N GLN G 41 35.61 2.07 -21.24
CA GLN G 41 36.60 2.70 -20.40
C GLN G 41 36.04 3.02 -19.01
N ALA G 42 34.75 2.76 -18.84
CA ALA G 42 34.06 3.08 -17.59
C ALA G 42 34.84 2.66 -16.36
N THR G 43 34.98 3.60 -15.42
CA THR G 43 35.77 3.36 -14.22
C THR G 43 35.14 4.07 -13.02
N ASN G 44 34.93 3.32 -11.94
CA ASN G 44 34.31 3.88 -10.75
C ASN G 44 34.87 3.27 -9.46
N ARG G 45 35.36 4.12 -8.57
CA ARG G 45 35.85 3.70 -7.27
C ARG G 45 34.70 3.61 -6.26
N ASN G 46 34.76 2.59 -5.40
CA ASN G 46 33.80 2.48 -4.31
C ASN G 46 34.45 2.86 -2.99
N THR G 47 33.62 3.23 -2.02
CA THR G 47 34.13 3.68 -0.73
C THR G 47 34.91 2.60 0.01
N ASP G 48 34.75 1.34 -0.41
CA ASP G 48 35.40 0.22 0.26
C ASP G 48 36.81 -0.04 -0.25
N GLY G 49 37.24 0.74 -1.22
CA GLY G 49 38.58 0.61 -1.77
C GLY G 49 38.65 -0.24 -3.03
N SER G 50 37.51 -0.77 -3.45
CA SER G 50 37.46 -1.55 -4.68
C SER G 50 37.05 -0.67 -5.84
N THR G 51 37.25 -1.16 -7.06
CA THR G 51 36.89 -0.40 -8.25
C THR G 51 36.19 -1.30 -9.27
N ASP G 52 35.30 -0.70 -10.06
CA ASP G 52 34.57 -1.43 -11.10
C ASP G 52 35.06 -0.97 -12.47
N TYR G 53 35.23 -1.93 -13.38
CA TYR G 53 35.88 -1.65 -14.66
C TYR G 53 35.11 -2.15 -15.87
N GLY G 54 35.01 -1.31 -16.89
CA GLY G 54 34.59 -1.76 -18.21
C GLY G 54 33.10 -1.78 -18.48
N ILE G 55 32.76 -2.35 -19.63
CA ILE G 55 31.40 -2.39 -20.13
C ILE G 55 30.42 -2.98 -19.13
N LEU G 56 30.90 -3.88 -18.26
CA LEU G 56 30.03 -4.56 -17.30
C LEU G 56 30.43 -4.33 -15.85
N GLN G 57 31.27 -3.32 -15.63
CA GLN G 57 31.64 -2.87 -14.28
C GLN G 57 32.02 -3.99 -13.32
N ILE G 58 32.94 -4.86 -13.74
CA ILE G 58 33.42 -5.95 -12.89
C ILE G 58 34.26 -5.43 -11.71
N ASN G 59 34.07 -6.03 -10.54
CA ASN G 59 34.70 -5.53 -9.31
C ASN G 59 36.08 -6.12 -9.02
N SER G 60 36.95 -5.31 -8.42
CA SER G 60 38.36 -5.67 -8.23
C SER G 60 38.64 -6.46 -6.95
N ARG G 61 37.62 -6.64 -6.12
CA ARG G 61 37.78 -7.39 -4.87
C ARG G 61 37.99 -8.87 -5.11
N TRP G 62 37.09 -9.49 -5.88
CA TRP G 62 37.16 -10.93 -6.13
C TRP G 62 37.57 -11.30 -7.56
N TRP G 63 37.29 -10.43 -8.52
CA TRP G 63 37.22 -10.86 -9.91
C TRP G 63 38.39 -10.48 -10.82
N CYS G 64 38.90 -9.26 -10.70
CA CYS G 64 40.08 -8.88 -11.46
C CYS G 64 41.10 -8.21 -10.55
N ASN G 65 42.36 -8.25 -10.97
CA ASN G 65 43.45 -7.67 -10.19
C ASN G 65 43.82 -6.28 -10.67
N ASP G 66 43.72 -5.29 -9.80
CA ASP G 66 44.08 -3.91 -10.13
C ASP G 66 45.28 -3.45 -9.32
N GLY G 67 45.78 -4.32 -8.45
CA GLY G 67 46.99 -4.06 -7.69
C GLY G 67 46.83 -3.15 -6.49
N ARG G 68 45.62 -2.67 -6.24
CA ARG G 68 45.41 -1.74 -5.14
C ARG G 68 44.16 -2.05 -4.31
N THR G 69 43.66 -3.27 -4.45
CA THR G 69 42.48 -3.70 -3.69
C THR G 69 42.83 -4.80 -2.70
N PRO G 70 42.63 -4.54 -1.40
CA PRO G 70 42.89 -5.53 -0.36
C PRO G 70 41.88 -6.68 -0.40
N GLY G 71 42.35 -7.89 -0.15
CA GLY G 71 41.48 -9.06 -0.20
C GLY G 71 41.26 -9.54 -1.62
N SER G 72 42.17 -9.16 -2.51
CA SER G 72 42.09 -9.51 -3.92
C SER G 72 42.11 -11.02 -4.14
N ARG G 73 41.16 -11.53 -4.91
CA ARG G 73 41.10 -12.95 -5.23
C ARG G 73 41.43 -13.20 -6.71
N ASN G 74 41.10 -12.23 -7.55
CA ASN G 74 41.37 -12.34 -8.99
C ASN G 74 40.91 -13.67 -9.57
N LEU G 75 39.65 -14.02 -9.33
CA LEU G 75 39.09 -15.28 -9.79
C LEU G 75 39.01 -15.39 -11.31
N CYS G 76 38.94 -14.24 -11.99
CA CYS G 76 38.92 -14.23 -13.45
C CYS G 76 40.34 -14.32 -14.00
N ASN G 77 41.33 -14.22 -13.12
CA ASN G 77 42.72 -14.34 -13.51
C ASN G 77 43.15 -13.36 -14.61
N ILE G 78 42.65 -12.13 -14.55
CA ILE G 78 43.03 -11.10 -15.50
C ILE G 78 43.22 -9.76 -14.80
N PRO G 79 44.15 -8.93 -15.29
CA PRO G 79 44.30 -7.59 -14.73
C PRO G 79 43.09 -6.74 -15.10
N CYS G 80 42.67 -5.86 -14.18
CA CYS G 80 41.48 -5.06 -14.41
C CYS G 80 41.60 -4.21 -15.69
N SER G 81 42.83 -3.87 -16.06
CA SER G 81 43.07 -3.03 -17.24
C SER G 81 42.63 -3.72 -18.53
N ALA G 82 42.69 -5.04 -18.54
CA ALA G 82 42.29 -5.81 -19.72
C ALA G 82 40.79 -5.68 -19.97
N LEU G 83 40.08 -5.20 -18.96
CA LEU G 83 38.63 -5.00 -19.05
C LEU G 83 38.28 -3.65 -19.66
N LEU G 84 39.29 -2.91 -20.09
CA LEU G 84 39.07 -1.56 -20.59
C LEU G 84 39.24 -1.43 -22.11
N SER G 85 39.74 -2.47 -22.76
CA SER G 85 39.98 -2.43 -24.19
C SER G 85 38.68 -2.33 -24.99
N SER G 86 38.77 -1.85 -26.22
CA SER G 86 37.62 -1.79 -27.10
C SER G 86 37.20 -3.19 -27.55
N ASP G 87 38.06 -4.16 -27.26
CA ASP G 87 37.75 -5.58 -27.48
C ASP G 87 37.15 -6.15 -26.20
N ILE G 88 35.90 -6.59 -26.26
CA ILE G 88 35.18 -6.98 -25.04
C ILE G 88 35.39 -8.44 -24.62
N THR G 89 36.32 -9.12 -25.29
CA THR G 89 36.58 -10.53 -25.00
C THR G 89 36.82 -10.78 -23.50
N ALA G 90 37.70 -9.99 -22.90
CA ALA G 90 38.03 -10.16 -21.49
C ALA G 90 36.80 -9.96 -20.58
N SER G 91 36.05 -8.88 -20.82
CA SER G 91 34.86 -8.62 -20.04
C SER G 91 33.86 -9.76 -20.16
N VAL G 92 33.59 -10.17 -21.39
CA VAL G 92 32.68 -11.29 -21.62
C VAL G 92 33.12 -12.55 -20.90
N ASN G 93 34.39 -12.92 -21.05
CA ASN G 93 34.90 -14.12 -20.40
C ASN G 93 34.76 -14.07 -18.89
N CYS G 94 35.01 -12.90 -18.31
CA CYS G 94 34.91 -12.73 -16.86
C CYS G 94 33.46 -12.75 -16.40
N ALA G 95 32.59 -12.12 -17.18
CA ALA G 95 31.16 -12.10 -16.86
C ALA G 95 30.56 -13.50 -16.90
N LYS G 96 31.07 -14.34 -17.80
CA LYS G 96 30.63 -15.73 -17.87
C LYS G 96 30.93 -16.47 -16.57
N LYS G 97 32.08 -16.18 -15.98
CA LYS G 97 32.45 -16.77 -14.70
C LYS G 97 31.55 -16.26 -13.59
N ILE G 98 31.37 -14.94 -13.57
CA ILE G 98 30.53 -14.29 -12.58
C ILE G 98 29.09 -14.78 -12.62
N VAL G 99 28.52 -14.86 -13.82
CA VAL G 99 27.12 -15.24 -13.96
C VAL G 99 26.93 -16.75 -13.71
N SER G 100 28.04 -17.45 -13.50
CA SER G 100 28.02 -18.88 -13.24
C SER G 100 28.33 -19.18 -11.78
N ASP G 101 28.48 -18.13 -10.98
CA ASP G 101 28.90 -18.29 -9.59
C ASP G 101 27.81 -18.88 -8.68
N GLY G 102 26.56 -18.80 -9.12
CA GLY G 102 25.46 -19.41 -8.39
C GLY G 102 24.29 -18.48 -8.15
N ASN G 103 24.41 -17.23 -8.60
CA ASN G 103 23.37 -16.24 -8.38
C ASN G 103 22.85 -15.57 -9.64
N GLY G 104 23.19 -16.15 -10.80
CA GLY G 104 22.77 -15.59 -12.06
C GLY G 104 23.26 -14.18 -12.23
N MET G 105 22.44 -13.33 -12.87
CA MET G 105 22.83 -11.95 -13.11
C MET G 105 22.59 -11.06 -11.89
N ASN G 106 22.14 -11.68 -10.79
CA ASN G 106 21.96 -10.95 -9.54
C ASN G 106 23.26 -10.36 -9.02
N ALA G 107 24.36 -10.71 -9.67
CA ALA G 107 25.66 -10.16 -9.33
C ALA G 107 25.79 -8.70 -9.77
N TRP G 108 24.91 -8.27 -10.68
CA TRP G 108 24.94 -6.90 -11.19
C TRP G 108 23.81 -6.05 -10.64
N VAL G 109 24.17 -5.11 -9.78
CA VAL G 109 23.18 -4.25 -9.12
C VAL G 109 22.37 -3.40 -10.09
N ALA G 110 23.01 -2.94 -11.16
CA ALA G 110 22.34 -2.07 -12.13
C ALA G 110 21.30 -2.85 -12.91
N TRP G 111 21.64 -4.10 -13.23
CA TRP G 111 20.72 -5.00 -13.90
C TRP G 111 19.51 -5.29 -13.00
N ARG G 112 19.78 -5.52 -11.71
CA ARG G 112 18.73 -5.77 -10.73
C ARG G 112 17.75 -4.60 -10.63
N ASN G 113 18.29 -3.39 -10.59
CA ASN G 113 17.47 -2.21 -10.36
C ASN G 113 16.83 -1.60 -11.60
N ARG G 114 17.32 -1.97 -12.78
CA ARG G 114 16.88 -1.32 -14.02
C ARG G 114 16.40 -2.30 -15.09
N CYS G 115 16.88 -3.54 -15.05
CA CYS G 115 16.63 -4.50 -16.12
C CYS G 115 15.76 -5.68 -15.71
N LYS G 116 16.07 -6.26 -14.56
CA LYS G 116 15.38 -7.46 -14.10
C LYS G 116 13.87 -7.29 -14.10
N GLY G 117 13.17 -8.23 -14.73
CA GLY G 117 11.72 -8.26 -14.72
C GLY G 117 11.08 -7.30 -15.71
N THR G 118 11.88 -6.74 -16.61
CA THR G 118 11.35 -5.84 -17.62
C THR G 118 11.45 -6.47 -19.01
N ASP G 119 10.89 -5.79 -20.01
CA ASP G 119 10.97 -6.25 -21.39
C ASP G 119 12.37 -5.99 -21.94
N VAL G 120 13.30 -6.86 -21.58
CA VAL G 120 14.71 -6.67 -21.92
C VAL G 120 15.00 -6.83 -23.42
N GLN G 121 14.18 -7.64 -24.10
CA GLN G 121 14.39 -7.88 -25.53
C GLN G 121 14.28 -6.59 -26.33
N ALA G 122 13.59 -5.59 -25.76
CA ALA G 122 13.47 -4.29 -26.41
C ALA G 122 14.83 -3.69 -26.74
N TRP G 123 15.86 -4.13 -26.04
CA TRP G 123 17.20 -3.59 -26.21
C TRP G 123 17.94 -4.15 -27.43
N ILE G 124 17.36 -5.15 -28.08
CA ILE G 124 17.97 -5.72 -29.28
C ILE G 124 17.04 -5.62 -30.48
N ARG G 125 15.81 -5.19 -30.24
CA ARG G 125 14.84 -5.01 -31.31
C ARG G 125 15.20 -3.81 -32.17
N GLY G 126 14.96 -3.95 -33.48
CA GLY G 126 15.36 -2.94 -34.43
C GLY G 126 16.78 -3.18 -34.91
N CYS G 127 17.40 -4.25 -34.41
CA CYS G 127 18.76 -4.60 -34.80
C CYS G 127 18.77 -5.77 -35.77
N ARG G 128 19.85 -5.86 -36.55
CA ARG G 128 20.00 -6.95 -37.52
C ARG G 128 21.43 -7.49 -37.47
N LEU G 129 21.59 -8.74 -37.88
CA LEU G 129 22.91 -9.37 -37.99
C LEU G 129 22.80 -10.87 -38.25
N VAL H 1 23.04 -11.54 23.44
CA VAL H 1 21.80 -12.26 23.20
C VAL H 1 21.20 -11.88 21.84
N SER H 2 20.73 -12.89 21.11
CA SER H 2 20.19 -12.72 19.77
C SER H 2 18.73 -13.16 19.73
N PRO H 3 17.98 -12.71 18.70
CA PRO H 3 16.57 -13.05 18.55
C PRO H 3 16.34 -14.50 18.16
N LYS H 4 15.26 -15.09 18.65
CA LYS H 4 14.89 -16.45 18.28
C LYS H 4 14.41 -16.47 16.84
N LYS H 5 14.68 -17.57 16.13
CA LYS H 5 14.25 -17.67 14.74
C LYS H 5 12.74 -17.87 14.67
N THR H 6 12.13 -17.28 13.66
CA THR H 6 10.68 -17.34 13.48
C THR H 6 10.28 -18.30 12.37
N HIS H 7 11.26 -18.65 11.52
CA HIS H 7 11.00 -19.47 10.35
C HIS H 7 12.20 -20.32 9.96
N TRP H 8 11.98 -21.62 9.81
CA TRP H 8 12.95 -22.47 9.13
C TRP H 8 13.08 -21.94 7.71
N THR H 9 14.23 -22.14 7.08
CA THR H 9 14.50 -21.54 5.78
C THR H 9 13.49 -21.95 4.69
N ALA H 10 13.01 -23.19 4.76
CA ALA H 10 12.03 -23.68 3.79
C ALA H 10 10.66 -23.04 3.99
N GLU H 11 10.49 -22.36 5.13
CA GLU H 11 9.24 -21.72 5.47
C GLU H 11 9.19 -20.28 4.94
N ILE H 12 10.31 -19.81 4.42
CA ILE H 12 10.38 -18.47 3.83
C ILE H 12 9.78 -18.49 2.42
N THR H 13 8.55 -18.00 2.30
CA THR H 13 7.82 -18.06 1.06
C THR H 13 7.37 -16.66 0.60
N PRO H 14 7.06 -16.52 -0.70
CA PRO H 14 6.64 -15.24 -1.26
C PRO H 14 5.54 -14.55 -0.47
N ASN H 15 4.66 -15.31 0.16
CA ASN H 15 3.57 -14.70 0.93
C ASN H 15 4.06 -13.85 2.10
N LEU H 16 5.31 -14.06 2.50
CA LEU H 16 5.87 -13.30 3.61
C LEU H 16 6.38 -11.94 3.15
N HIS H 17 6.19 -11.64 1.86
CA HIS H 17 6.64 -10.37 1.31
C HIS H 17 6.25 -9.19 2.19
N GLY H 18 7.24 -8.43 2.63
CA GLY H 18 6.99 -7.22 3.39
C GLY H 18 7.12 -7.39 4.89
N SER H 19 7.10 -8.63 5.36
CA SER H 19 7.17 -8.88 6.79
C SER H 19 8.58 -9.19 7.29
N GLU H 20 8.80 -8.98 8.58
CA GLU H 20 10.11 -9.23 9.19
C GLU H 20 10.22 -10.66 9.69
N VAL H 21 11.36 -11.28 9.44
CA VAL H 21 11.59 -12.65 9.85
C VAL H 21 12.97 -12.79 10.48
N VAL H 22 13.13 -13.83 11.28
CA VAL H 22 14.44 -14.16 11.84
C VAL H 22 14.78 -15.60 11.48
N VAL H 23 15.82 -15.78 10.67
CA VAL H 23 16.26 -17.11 10.29
C VAL H 23 17.59 -17.44 10.97
N ALA H 24 17.83 -18.73 11.17
CA ALA H 24 19.04 -19.19 11.84
C ALA H 24 19.56 -20.47 11.21
N GLY H 25 20.84 -20.48 10.85
CA GLY H 25 21.45 -21.63 10.22
C GLY H 25 22.90 -21.38 9.86
N TRP H 26 23.42 -22.16 8.92
CA TRP H 26 24.80 -22.01 8.49
C TRP H 26 24.92 -21.35 7.13
N VAL H 27 26.11 -20.82 6.84
CA VAL H 27 26.37 -20.19 5.56
C VAL H 27 26.62 -21.25 4.49
N ALA H 28 25.66 -21.39 3.58
CA ALA H 28 25.76 -22.37 2.51
C ALA H 28 26.61 -21.83 1.36
N HIS H 29 26.54 -20.52 1.13
CA HIS H 29 27.29 -19.93 0.04
C HIS H 29 27.56 -18.44 0.24
N LEU H 30 28.69 -17.97 -0.27
CA LEU H 30 29.03 -16.55 -0.22
C LEU H 30 29.37 -16.03 -1.61
N GLY H 31 28.83 -14.85 -1.93
CA GLY H 31 29.10 -14.18 -3.19
C GLY H 31 29.36 -12.71 -2.96
N ASP H 32 30.54 -12.24 -3.37
CA ASP H 32 30.90 -10.84 -3.27
C ASP H 32 31.07 -10.26 -4.67
N TYR H 33 30.13 -9.43 -5.09
CA TYR H 33 30.20 -8.87 -6.45
C TYR H 33 30.39 -7.36 -6.45
N GLY H 34 30.81 -6.83 -5.30
CA GLY H 34 31.01 -5.39 -5.15
C GLY H 34 29.86 -4.72 -4.45
N ARG H 35 29.08 -3.95 -5.19
CA ARG H 35 27.93 -3.23 -4.64
C ARG H 35 26.85 -4.20 -4.15
N VAL H 36 26.97 -5.47 -4.54
CA VAL H 36 26.04 -6.50 -4.12
C VAL H 36 26.78 -7.68 -3.50
N LYS H 37 26.38 -8.07 -2.30
CA LYS H 37 26.88 -9.29 -1.67
C LYS H 37 25.72 -10.22 -1.36
N ILE H 38 25.92 -11.52 -1.57
CA ILE H 38 24.88 -12.50 -1.33
C ILE H 38 25.35 -13.66 -0.46
N VAL H 39 24.68 -13.85 0.67
CA VAL H 39 24.96 -14.97 1.55
C VAL H 39 23.73 -15.88 1.62
N LYS H 40 23.92 -17.16 1.28
CA LYS H 40 22.82 -18.12 1.33
C LYS H 40 22.84 -18.91 2.63
N VAL H 41 21.69 -18.96 3.29
CA VAL H 41 21.61 -19.60 4.60
C VAL H 41 20.71 -20.83 4.59
N SER H 42 21.17 -21.90 5.24
CA SER H 42 20.40 -23.13 5.35
C SER H 42 20.36 -23.62 6.79
N ASP H 43 19.28 -24.31 7.14
CA ASP H 43 19.15 -24.92 8.46
C ASP H 43 18.74 -26.38 8.37
N ARG H 44 18.76 -26.93 7.15
CA ARG H 44 18.50 -28.36 6.94
C ARG H 44 19.44 -28.93 5.88
N GLU H 45 20.01 -30.10 6.16
CA GLU H 45 20.93 -30.73 5.23
C GLU H 45 20.24 -30.98 3.90
N GLY H 46 20.87 -30.54 2.81
CA GLY H 46 20.33 -30.69 1.47
C GLY H 46 19.00 -30.00 1.25
N GLY H 47 18.66 -29.06 2.14
CA GLY H 47 17.41 -28.34 2.05
C GLY H 47 17.50 -27.08 1.23
N ALA H 48 16.56 -26.18 1.42
CA ALA H 48 16.53 -24.92 0.69
C ALA H 48 17.36 -23.84 1.39
N ALA H 49 18.11 -23.10 0.57
CA ALA H 49 19.01 -22.05 1.06
C ALA H 49 18.44 -20.70 0.65
N VAL H 50 18.04 -19.91 1.65
CA VAL H 50 17.47 -18.60 1.39
C VAL H 50 18.55 -17.56 1.17
N PRO H 51 18.46 -16.83 0.05
CA PRO H 51 19.45 -15.80 -0.27
C PRO H 51 19.26 -14.56 0.58
N VAL H 52 20.30 -14.16 1.30
CA VAL H 52 20.28 -12.91 2.06
C VAL H 52 21.09 -11.86 1.30
N TYR H 53 20.50 -10.69 1.12
CA TYR H 53 21.04 -9.67 0.22
C TYR H 53 21.59 -8.43 0.91
N LEU H 54 22.83 -8.08 0.57
CA LEU H 54 23.42 -6.83 1.02
C LEU H 54 23.74 -5.93 -0.18
N GLU H 55 22.97 -4.85 -0.30
CA GLU H 55 23.10 -3.96 -1.45
C GLU H 55 23.45 -2.53 -0.99
N ARG H 56 24.61 -2.04 -1.42
CA ARG H 56 25.01 -0.68 -1.09
C ARG H 56 23.90 0.30 -1.44
N GLY H 57 23.62 1.23 -0.54
CA GLY H 57 22.59 2.24 -0.74
C GLY H 57 21.23 1.80 -0.26
N LYS H 58 21.12 0.54 0.13
CA LYS H 58 19.85 0.00 0.64
C LYS H 58 20.08 -0.71 1.98
N THR H 59 21.19 -1.42 2.07
CA THR H 59 21.53 -2.18 3.27
C THR H 59 22.40 -1.34 4.19
N PRO H 60 22.09 -1.32 5.49
CA PRO H 60 22.91 -0.62 6.48
C PRO H 60 24.40 -0.95 6.35
N ASP H 61 25.22 0.09 6.23
CA ASP H 61 26.65 -0.06 5.93
C ASP H 61 27.39 -0.98 6.89
N HIS H 62 27.00 -0.98 8.15
CA HIS H 62 27.72 -1.77 9.15
C HIS H 62 27.63 -3.27 8.91
N LEU H 63 26.57 -3.69 8.20
CA LEU H 63 26.39 -5.10 7.90
C LEU H 63 27.43 -5.60 6.90
N PHE H 64 28.01 -4.68 6.12
CA PHE H 64 29.03 -5.06 5.14
C PHE H 64 30.33 -5.45 5.82
N LYS H 65 30.48 -5.03 7.07
CA LYS H 65 31.64 -5.41 7.88
C LYS H 65 31.46 -6.82 8.42
N VAL H 66 30.25 -7.11 8.90
CA VAL H 66 29.92 -8.44 9.37
C VAL H 66 30.09 -9.45 8.25
N PHE H 67 29.61 -9.09 7.06
CA PHE H 67 29.75 -9.96 5.90
C PHE H 67 31.21 -10.28 5.62
N ALA H 68 32.08 -9.30 5.85
CA ALA H 68 33.50 -9.46 5.62
C ALA H 68 34.12 -10.51 6.56
N GLU H 69 33.46 -10.72 7.70
CA GLU H 69 33.91 -11.66 8.71
C GLU H 69 33.32 -13.05 8.49
N LEU H 70 32.52 -13.18 7.43
CA LEU H 70 31.77 -14.40 7.18
C LEU H 70 32.56 -15.44 6.40
N SER H 71 32.36 -16.70 6.74
CA SER H 71 32.97 -17.80 6.03
C SER H 71 31.91 -18.89 5.85
N ARG H 72 32.11 -19.75 4.86
CA ARG H 72 31.21 -20.88 4.64
C ARG H 72 31.17 -21.78 5.87
N GLU H 73 29.97 -22.21 6.25
CA GLU H 73 29.79 -23.12 7.39
C GLU H 73 29.59 -22.39 8.72
N ASP H 74 29.79 -21.08 8.73
CA ASP H 74 29.55 -20.30 9.93
C ASP H 74 28.08 -20.37 10.32
N VAL H 75 27.81 -20.36 11.62
CA VAL H 75 26.43 -20.32 12.08
C VAL H 75 26.03 -18.88 12.35
N VAL H 76 24.90 -18.48 11.77
CA VAL H 76 24.45 -17.10 11.86
C VAL H 76 22.98 -16.99 12.26
N VAL H 77 22.62 -15.81 12.77
CA VAL H 77 21.22 -15.49 13.00
C VAL H 77 20.95 -14.17 12.30
N ILE H 78 19.87 -14.13 11.53
CA ILE H 78 19.62 -12.99 10.65
C ILE H 78 18.18 -12.50 10.72
N LYS H 79 18.02 -11.24 11.08
CA LYS H 79 16.71 -10.59 11.06
C LYS H 79 16.64 -9.71 9.82
N GLY H 80 15.52 -9.77 9.10
CA GLY H 80 15.38 -9.00 7.90
C GLY H 80 13.98 -9.01 7.31
N ILE H 81 13.81 -8.27 6.23
CA ILE H 81 12.53 -8.18 5.54
C ILE H 81 12.51 -9.09 4.32
N VAL H 82 11.41 -9.82 4.14
CA VAL H 82 11.27 -10.70 3.00
C VAL H 82 10.77 -9.94 1.78
N GLU H 83 11.36 -10.24 0.63
CA GLU H 83 10.93 -9.68 -0.64
C GLU H 83 10.66 -10.81 -1.63
N ALA H 84 9.50 -10.79 -2.27
CA ALA H 84 9.14 -11.83 -3.22
C ALA H 84 9.73 -11.57 -4.61
N THR H 85 10.08 -12.65 -5.31
CA THR H 85 10.61 -12.57 -6.65
C THR H 85 10.13 -13.74 -7.48
N THR H 86 10.24 -13.64 -8.80
CA THR H 86 9.86 -14.72 -9.68
C THR H 86 10.88 -15.85 -9.62
N VAL H 87 10.40 -17.09 -9.51
CA VAL H 87 11.28 -18.24 -9.46
C VAL H 87 11.93 -18.47 -10.81
N THR H 88 13.25 -18.63 -10.81
CA THR H 88 14.01 -18.91 -12.02
C THR H 88 15.11 -19.90 -11.68
N ARG H 89 15.90 -20.25 -12.69
CA ARG H 89 17.07 -21.09 -12.49
C ARG H 89 17.96 -20.49 -11.40
N TRP H 90 17.92 -19.17 -11.25
CA TRP H 90 18.82 -18.49 -10.33
C TRP H 90 18.10 -17.70 -9.24
N ASP H 91 16.79 -17.87 -9.16
CA ASP H 91 16.00 -17.18 -8.15
C ASP H 91 15.06 -18.12 -7.43
N THR H 92 15.18 -18.15 -6.11
CA THR H 92 14.36 -19.02 -5.27
C THR H 92 12.90 -18.58 -5.24
N GLY H 93 12.69 -17.29 -5.46
CA GLY H 93 11.36 -16.72 -5.41
C GLY H 93 11.22 -15.84 -4.19
N VAL H 94 12.28 -15.79 -3.39
CA VAL H 94 12.26 -15.04 -2.14
C VAL H 94 13.65 -14.49 -1.83
N GLU H 95 13.69 -13.33 -1.20
CA GLU H 95 14.95 -12.68 -0.84
C GLU H 95 14.80 -12.05 0.53
N ILE H 96 15.88 -12.05 1.31
CA ILE H 96 15.85 -11.40 2.61
C ILE H 96 16.80 -10.22 2.65
N PHE H 97 16.27 -9.06 2.99
CA PHE H 97 17.09 -7.87 3.19
C PHE H 97 17.26 -7.65 4.68
N PRO H 98 18.47 -7.90 5.20
CA PRO H 98 18.74 -7.98 6.63
C PRO H 98 18.88 -6.62 7.28
N SER H 99 18.56 -6.56 8.57
CA SER H 99 18.81 -5.37 9.38
C SER H 99 19.82 -5.73 10.45
N GLU H 100 19.92 -7.02 10.75
CA GLU H 100 20.89 -7.54 11.72
C GLU H 100 21.50 -8.84 11.22
N ILE H 101 22.80 -9.00 11.44
CA ILE H 101 23.49 -10.24 11.13
C ILE H 101 24.39 -10.65 12.28
N TRP H 102 24.00 -11.69 13.00
CA TRP H 102 24.75 -12.17 14.14
C TRP H 102 25.56 -13.42 13.79
N ILE H 103 26.82 -13.45 14.22
CA ILE H 103 27.65 -14.63 14.03
C ILE H 103 27.74 -15.40 15.33
N LEU H 104 27.09 -16.56 15.38
CA LEU H 104 27.06 -17.38 16.59
C LEU H 104 28.30 -18.25 16.71
N ASN H 105 28.87 -18.62 15.57
CA ASN H 105 30.00 -19.53 15.57
C ASN H 105 30.69 -19.62 14.21
N LYS H 106 32.02 -19.63 14.21
CA LYS H 106 32.76 -19.75 12.97
C LYS H 106 33.33 -21.16 12.82
N ALA H 107 33.29 -21.69 11.61
CA ALA H 107 33.74 -23.05 11.32
C ALA H 107 35.08 -23.37 12.00
P PO4 I . 8.49 16.25 37.49
O1 PO4 I . 8.96 15.36 38.62
O2 PO4 I . 9.01 15.72 36.18
O3 PO4 I . 9.04 17.65 37.71
O4 PO4 I . 6.98 16.28 37.46
P PO4 J . 0.53 8.03 30.01
O1 PO4 J . 1.40 8.74 31.01
O2 PO4 J . 0.32 8.91 28.80
O3 PO4 J . -0.80 7.71 30.64
O4 PO4 J . 1.20 6.74 29.57
C1 GOL K . 3.01 24.71 -0.94
O1 GOL K . 3.49 24.58 -2.26
C2 GOL K . 4.11 24.34 0.03
O2 GOL K . 5.37 24.63 -0.54
C3 GOL K . 4.03 22.85 0.34
O3 GOL K . 4.97 22.50 1.33
C1 GOL L . 6.32 9.22 -2.35
O1 GOL L . 7.42 9.19 -1.46
C2 GOL L . 6.36 10.51 -3.16
O2 GOL L . 6.40 10.19 -4.54
C3 GOL L . 5.10 11.32 -2.86
O3 GOL L . 4.98 12.39 -3.77
C1 GOL M . 28.84 5.69 -15.35
O1 GOL M . 29.88 4.76 -15.59
C2 GOL M . 27.55 4.94 -15.04
O2 GOL M . 26.72 4.92 -16.18
C3 GOL M . 26.81 5.63 -13.89
O3 GOL M . 27.58 5.53 -12.72
C1 GOL N . -18.77 -23.36 -18.51
O1 GOL N . -17.79 -24.31 -18.88
C2 GOL N . -19.81 -23.27 -19.63
O2 GOL N . -19.19 -22.76 -20.79
C3 GOL N . -20.93 -22.31 -19.22
O3 GOL N . -20.64 -21.03 -19.75
C1 GOL O . -14.45 0.27 -17.17
O1 GOL O . -13.14 -0.23 -17.06
C2 GOL O . -15.37 -0.76 -17.82
O2 GOL O . -15.55 -0.42 -19.18
C3 GOL O . -16.71 -0.77 -17.10
O3 GOL O . -17.08 -2.09 -16.77
C1 GOL P . -8.57 0.99 -19.79
O1 GOL P . -9.06 1.93 -20.72
C2 GOL P . -8.65 1.54 -18.38
O2 GOL P . -7.35 1.79 -17.89
C3 GOL P . -9.34 0.52 -17.48
O3 GOL P . -9.30 0.96 -16.13
C1 GOL Q . -0.85 -23.85 -18.06
O1 GOL Q . -0.98 -22.49 -18.41
C2 GOL Q . -1.94 -24.23 -17.05
O2 GOL Q . -1.39 -24.25 -15.76
C3 GOL Q . -2.48 -25.61 -17.40
O3 GOL Q . -3.61 -25.89 -16.62
C1 GOL R . -0.02 -11.95 -31.47
O1 GOL R . 0.52 -13.13 -32.03
C2 GOL R . -0.25 -12.19 -29.99
O2 GOL R . 0.65 -13.17 -29.55
C3 GOL R . 0.01 -10.91 -29.20
O3 GOL R . -0.84 -9.88 -29.68
N1 EPE S . -11.62 -28.38 -21.28
C2 EPE S . -10.57 -29.40 -21.22
C3 EPE S . -9.23 -28.75 -20.91
N4 EPE S . -8.95 -27.63 -21.78
C5 EPE S . -10.03 -26.76 -22.18
C6 EPE S . -11.35 -27.50 -22.42
C7 EPE S . -7.61 -27.04 -21.75
C8 EPE S . -6.51 -28.07 -21.91
O8 EPE S . -5.96 -28.38 -20.66
C9 EPE S . -12.93 -29.01 -21.47
C10 EPE S . -13.34 -29.81 -20.23
S EPE S . -13.40 -28.85 -18.69
O1S EPE S . -12.07 -28.80 -18.09
O2S EPE S . -13.87 -27.50 -18.96
O3S EPE S . -14.32 -29.50 -17.75
C1 GOL T . -14.69 -33.97 -1.63
O1 GOL T . -15.12 -35.29 -1.87
C2 GOL T . -15.16 -33.49 -0.25
O2 GOL T . -15.37 -34.61 0.59
C3 GOL T . -16.45 -32.70 -0.39
O3 GOL T . -16.17 -31.43 -0.93
C1 GOL U . -15.55 16.84 27.75
O1 GOL U . -15.72 17.32 26.44
C2 GOL U . -16.60 17.48 28.67
O2 GOL U . -17.66 17.98 27.90
C3 GOL U . -17.12 16.43 29.66
O3 GOL U . -17.85 15.44 28.98
C1 GOL V . -21.26 -5.42 16.36
O1 GOL V . -20.05 -5.19 15.67
C2 GOL V . -22.39 -5.61 15.36
O2 GOL V . -23.03 -4.37 15.13
C3 GOL V . -23.41 -6.63 15.86
O3 GOL V . -24.42 -6.79 14.87
S SO4 W . -34.21 3.24 29.52
O1 SO4 W . -34.01 4.36 30.44
O2 SO4 W . -32.94 2.54 29.33
O3 SO4 W . -35.19 2.31 30.08
O4 SO4 W . -34.69 3.75 28.24
P PO4 X . -18.42 -4.25 11.63
O1 PO4 X . -17.11 -4.20 10.88
O2 PO4 X . -18.82 -2.85 12.03
O3 PO4 X . -18.26 -5.12 12.85
O4 PO4 X . -19.49 -4.82 10.72
C1 GOL Y . -22.69 -1.71 -13.78
O1 GOL Y . -22.70 -1.87 -12.38
C2 GOL Y . -23.61 -0.54 -14.15
O2 GOL Y . -24.92 -1.02 -14.36
C3 GOL Y . -23.11 0.12 -15.44
O3 GOL Y . -24.04 1.11 -15.82
C1 GOL Z . -17.77 22.13 -2.89
O1 GOL Z . -17.82 22.54 -4.23
C2 GOL Z . -18.84 22.88 -2.09
O2 GOL Z . -19.83 23.35 -2.98
C3 GOL Z . -19.45 21.95 -1.05
O3 GOL Z . -19.99 20.80 -1.67
C1 GOL AA . -32.03 2.74 -4.79
O1 GOL AA . -32.12 3.11 -6.14
C2 GOL AA . -32.69 3.83 -3.92
O2 GOL AA . -32.52 3.49 -2.56
C3 GOL AA . -34.17 3.92 -4.27
O3 GOL AA . -34.47 5.25 -4.67
C1 GOL BA . -30.99 9.65 -19.42
O1 GOL BA . -31.14 8.29 -19.11
C2 GOL BA . -30.98 10.50 -18.15
O2 GOL BA . -30.46 11.78 -18.44
C3 GOL BA . -32.41 10.67 -17.65
O3 GOL BA . -32.54 11.90 -16.98
C1 GOL CA . -10.66 12.34 9.58
O1 GOL CA . -9.40 12.22 10.18
C2 GOL CA . -11.60 12.55 10.72
O2 GOL CA . -11.14 11.71 11.74
C3 GOL CA . -11.44 13.99 11.18
O3 GOL CA . -11.90 14.85 10.15
P PO4 DA . 22.15 -23.53 -16.58
O1 PO4 DA . 23.40 -23.36 -15.74
O2 PO4 DA . 22.49 -24.36 -17.81
O3 PO4 DA . 21.08 -24.22 -15.78
O4 PO4 DA . 21.64 -22.17 -17.01
C1 GOL EA . 15.93 0.61 -26.25
O1 GOL EA . 15.82 1.36 -27.44
C2 GOL EA . 15.27 1.40 -25.12
O2 GOL EA . 14.38 2.34 -25.67
C3 GOL EA . 14.48 0.45 -24.22
O3 GOL EA . 13.88 1.21 -23.20
P PO4 FA . 10.84 -10.02 -10.49
O1 PO4 FA . 12.10 -10.38 -9.74
O2 PO4 FA . 10.61 -8.53 -10.38
O3 PO4 FA . 9.68 -10.77 -9.89
O4 PO4 FA . 11.01 -10.40 -11.94
C1 GOL GA . 9.40 -23.35 14.60
O1 GOL GA . 9.06 -23.08 13.25
C2 GOL GA . 10.81 -22.86 14.88
O2 GOL GA . 11.61 -23.93 15.31
C3 GOL GA . 10.75 -21.80 15.98
O3 GOL GA . 9.67 -20.93 15.72
C1 GOL HA . 19.89 -22.29 -7.66
O1 GOL HA . 21.09 -22.01 -6.97
C2 GOL HA . 18.80 -21.30 -7.25
O2 GOL HA . 19.27 -20.46 -6.21
C3 GOL HA . 17.55 -22.06 -6.80
O3 GOL HA . 16.77 -22.42 -7.92
C1 GOL IA . 27.28 -26.59 10.40
O1 GOL IA . 26.42 -26.42 11.50
C2 GOL IA . 27.06 -27.95 9.76
O2 GOL IA . 25.83 -28.51 10.19
C3 GOL IA . 27.04 -27.78 8.24
O3 GOL IA . 26.90 -29.04 7.60
#